data_5VIP
#
_entry.id   5VIP
#
_cell.length_a   56.310
_cell.length_b   60.076
_cell.length_c   91.277
_cell.angle_alpha   89.87
_cell.angle_beta   88.77
_cell.angle_gamma   68.80
#
_symmetry.space_group_name_H-M   'P 1'
#
loop_
_entity.id
_entity.type
_entity.pdbx_description
1 polymer MdcE
2 polymer MdcD
3 water water
#
loop_
_entity_poly.entity_id
_entity_poly.type
_entity_poly.pdbx_seq_one_letter_code
_entity_poly.pdbx_strand_id
1 'polypeptide(L)'
;(MSE)GSSHHHHHHSQDPNS(MSE)SQPFASRGLAWFQALAGSLAPRPGDPASLRVADAELDGYPVRFLAVVPDPDNPFP
RARQGEVGLLEGWGLAAAVDEALEADREAPRKRALLAIVDVPSQAYGRREEALGIHQALAGAVDAYARARLAGHPLIGLL
VGKA(MSE)SGAFLAHGYQANRLIALHDPGV(MSE)VHA(MSE)GKAAAARITLRSVEELEALAAKVPP(MSE)AYDIDS
YASLGLLWRTLPVETVEVPSTADLVRVRTCLGEALADILGGPRDLGGRLGAANREASARVRRLLREQW
;
A,C
2 'polypeptide(L)'
;(MSE)TDVARLLALRSFTELGARQRARALLDAGSFRELLDPFAGVQSPWLERQGIVPQADDGVVVARGLLDGQPAVLAAI
EGAFQGGSLGEVSGAKIAGALELAAEDNRNGVPTRALLLLETGGVRLQEANLGLAAIAEIQAAIVDLQRYQPVVAVIAGP
VGCFGG(MSE)SIAAGLCSYVLVTREARLGLNGPQVIEQEAGIAEYDSRDRPFIWSLTGGEQRFASGLADAYLADDLDEV
RTSVLAYFAKGLPARPRCRRAEDYLRRLGDLDTAEQPDAAGVRRLYQGLGQGDAT
;
B,D
#
# COMPACT_ATOMS: atom_id res chain seq x y z
N ALA A 22 -4.85 34.96 -35.24
CA ALA A 22 -3.87 34.46 -34.27
C ALA A 22 -3.34 33.10 -34.70
N SER A 23 -4.20 32.27 -35.27
CA SER A 23 -3.80 30.97 -35.80
C SER A 23 -4.90 30.40 -36.67
N ARG A 24 -4.55 29.41 -37.49
CA ARG A 24 -5.54 28.65 -38.25
C ARG A 24 -6.57 27.97 -37.37
N GLY A 25 -6.14 27.46 -36.21
CA GLY A 25 -7.08 26.82 -35.31
C GLY A 25 -8.18 27.76 -34.87
N LEU A 26 -7.78 28.99 -34.54
CA LEU A 26 -8.74 30.01 -34.12
C LEU A 26 -9.67 30.39 -35.27
N ALA A 27 -9.09 30.60 -36.44
CA ALA A 27 -9.85 30.94 -37.66
C ALA A 27 -10.92 29.88 -37.94
N TRP A 28 -10.54 28.62 -37.88
CA TRP A 28 -11.49 27.55 -38.17
C TRP A 28 -12.48 27.32 -37.05
N PHE A 29 -12.05 27.53 -35.81
CA PHE A 29 -12.98 27.43 -34.68
C PHE A 29 -14.12 28.44 -34.86
N GLN A 30 -13.74 29.68 -35.14
CA GLN A 30 -14.72 30.76 -35.28
C GLN A 30 -15.69 30.43 -36.41
N ALA A 31 -15.14 30.02 -37.56
CA ALA A 31 -15.94 29.68 -38.73
C ALA A 31 -16.92 28.55 -38.45
N LEU A 32 -16.47 27.53 -37.75
CA LEU A 32 -17.29 26.34 -37.54
C LEU A 32 -18.24 26.47 -36.34
N ALA A 33 -17.79 27.13 -35.28
CA ALA A 33 -18.57 27.15 -34.05
C ALA A 33 -19.45 28.39 -33.96
N GLY A 34 -18.96 29.50 -34.51
CA GLY A 34 -19.75 30.72 -34.60
C GLY A 34 -19.33 31.79 -33.62
N SER A 35 -18.42 31.45 -32.71
CA SER A 35 -17.94 32.40 -31.71
C SER A 35 -16.41 32.48 -31.72
N LEU A 36 -15.86 33.50 -31.07
CA LEU A 36 -14.41 33.72 -31.09
C LEU A 36 -13.81 33.75 -29.67
N ALA A 37 -14.61 34.18 -28.70
CA ALA A 37 -14.10 34.39 -27.35
C ALA A 37 -14.19 33.13 -26.49
N PRO A 38 -13.19 32.92 -25.63
CA PRO A 38 -13.18 31.77 -24.71
C PRO A 38 -14.35 31.81 -23.73
N ARG A 39 -14.70 30.65 -23.17
CA ARG A 39 -15.72 30.58 -22.13
C ARG A 39 -15.14 31.11 -20.82
N PRO A 40 -16.00 31.70 -19.97
CA PRO A 40 -15.62 32.28 -18.68
C PRO A 40 -14.68 31.40 -17.86
N GLY A 41 -15.00 30.12 -17.71
CA GLY A 41 -14.19 29.25 -16.87
C GLY A 41 -12.93 28.67 -17.50
N ASP A 42 -12.75 28.84 -18.81
CA ASP A 42 -11.63 28.23 -19.51
C ASP A 42 -10.38 29.10 -19.56
N PRO A 43 -9.19 28.47 -19.65
CA PRO A 43 -7.99 29.22 -20.04
C PRO A 43 -8.21 29.92 -21.38
N ALA A 44 -7.58 31.08 -21.58
CA ALA A 44 -7.75 31.86 -22.81
C ALA A 44 -7.13 31.17 -24.03
N SER A 45 -6.29 30.17 -23.77
CA SER A 45 -5.67 29.38 -24.83
C SER A 45 -6.58 28.23 -25.28
N LEU A 46 -7.79 28.19 -24.73
CA LEU A 46 -8.78 27.18 -25.08
C LEU A 46 -10.05 27.79 -25.65
N ARG A 47 -10.51 27.27 -26.78
CA ARG A 47 -11.83 27.62 -27.29
C ARG A 47 -12.72 26.39 -27.24
N VAL A 48 -13.87 26.52 -26.57
CA VAL A 48 -14.85 25.45 -26.43
C VAL A 48 -16.23 26.01 -26.72
N ALA A 49 -17.02 25.29 -27.51
CA ALA A 49 -18.38 25.72 -27.83
C ALA A 49 -19.25 24.52 -28.16
N ASP A 50 -20.48 24.53 -27.66
CA ASP A 50 -21.45 23.50 -28.03
C ASP A 50 -22.28 23.98 -29.22
N ALA A 51 -22.66 23.05 -30.08
CA ALA A 51 -23.42 23.38 -31.29
C ALA A 51 -24.07 22.14 -31.84
N GLU A 52 -24.57 22.21 -33.07
CA GLU A 52 -25.18 21.03 -33.68
C GLU A 52 -24.64 20.82 -35.09
N LEU A 53 -24.54 19.57 -35.47
CA LEU A 53 -24.10 19.20 -36.81
C LEU A 53 -25.05 18.12 -37.31
N ASP A 54 -25.79 18.43 -38.38
CA ASP A 54 -26.79 17.52 -38.91
C ASP A 54 -27.82 17.14 -37.86
N GLY A 55 -28.14 18.08 -36.97
CA GLY A 55 -29.07 17.83 -35.90
C GLY A 55 -28.48 17.03 -34.75
N TYR A 56 -27.19 16.72 -34.83
CA TYR A 56 -26.51 15.96 -33.78
C TYR A 56 -25.72 16.88 -32.87
N PRO A 57 -25.83 16.70 -31.54
CA PRO A 57 -25.12 17.55 -30.58
C PRO A 57 -23.59 17.40 -30.70
N VAL A 58 -22.86 18.51 -30.79
CA VAL A 58 -21.39 18.46 -30.85
C VAL A 58 -20.75 19.51 -29.95
N ARG A 59 -19.50 19.25 -29.56
CA ARG A 59 -18.71 20.24 -28.86
C ARG A 59 -17.38 20.42 -29.60
N PHE A 60 -17.10 21.66 -30.01
CA PHE A 60 -15.84 22.00 -30.68
C PHE A 60 -14.77 22.33 -29.63
N LEU A 61 -13.56 21.85 -29.86
CA LEU A 61 -12.45 22.18 -28.97
C LEU A 61 -11.23 22.53 -29.77
N ALA A 62 -10.60 23.64 -29.41
CA ALA A 62 -9.39 24.07 -30.09
C ALA A 62 -8.43 24.67 -29.07
N VAL A 63 -7.16 24.32 -29.21
CA VAL A 63 -6.11 25.04 -28.53
C VAL A 63 -5.64 26.16 -29.44
N VAL A 64 -5.50 27.37 -28.89
CA VAL A 64 -5.13 28.54 -29.70
C VAL A 64 -4.11 29.39 -28.95
N PRO A 65 -3.36 30.25 -29.67
CA PRO A 65 -2.36 31.05 -29.00
C PRO A 65 -2.95 31.99 -27.97
N ASP A 66 -2.25 32.15 -26.86
CA ASP A 66 -2.60 33.13 -25.84
C ASP A 66 -1.34 33.86 -25.39
N PRO A 67 -1.11 35.06 -25.96
CA PRO A 67 0.07 35.87 -25.64
C PRO A 67 0.11 36.29 -24.17
N ASP A 68 -1.02 36.18 -23.46
CA ASP A 68 -1.10 36.55 -22.05
C ASP A 68 -1.15 35.33 -21.15
N ASN A 69 -0.72 34.18 -21.66
CA ASN A 69 -0.70 32.96 -20.87
C ASN A 69 0.10 33.15 -19.59
N PRO A 70 -0.48 32.78 -18.44
CA PRO A 70 0.23 32.82 -17.15
C PRO A 70 1.58 32.13 -17.21
N PHE A 71 1.73 31.15 -18.10
CA PHE A 71 3.00 30.46 -18.30
C PHE A 71 3.72 30.99 -19.53
N PRO A 72 4.86 31.66 -19.33
CA PRO A 72 5.58 32.33 -20.41
C PRO A 72 5.96 31.38 -21.53
N ARG A 73 6.24 30.12 -21.20
CA ARG A 73 6.64 29.15 -22.21
C ARG A 73 5.44 28.66 -23.05
N ALA A 74 4.25 29.13 -22.74
CA ALA A 74 3.07 28.70 -23.47
C ALA A 74 2.31 29.88 -24.08
N ARG A 75 3.03 30.82 -24.69
CA ARG A 75 2.38 32.03 -25.20
C ARG A 75 2.30 32.09 -26.71
N GLN A 76 2.59 30.98 -27.37
CA GLN A 76 2.54 30.94 -28.82
C GLN A 76 1.76 29.73 -29.34
N GLY A 77 0.74 29.31 -28.59
CA GLY A 77 -0.14 28.26 -29.06
C GLY A 77 0.22 26.85 -28.60
N GLU A 78 1.28 26.74 -27.80
CA GLU A 78 1.74 25.46 -27.25
C GLU A 78 0.69 24.80 -26.35
N VAL A 79 0.71 23.48 -26.29
CA VAL A 79 -0.07 22.79 -25.27
C VAL A 79 0.78 22.69 -24.01
N GLY A 80 0.51 23.56 -23.05
CA GLY A 80 1.23 23.57 -21.79
C GLY A 80 0.34 23.07 -20.66
N LEU A 81 0.64 23.49 -19.43
CA LEU A 81 -0.02 22.97 -18.24
C LEU A 81 -1.52 23.28 -18.22
N LEU A 82 -1.87 24.53 -18.53
CA LEU A 82 -3.26 24.95 -18.44
C LEU A 82 -4.07 24.34 -19.57
N GLU A 83 -3.42 24.14 -20.71
CA GLU A 83 -4.10 23.62 -21.89
C GLU A 83 -4.40 22.15 -21.72
N GLY A 84 -3.41 21.40 -21.21
CA GLY A 84 -3.60 19.98 -20.90
C GLY A 84 -4.71 19.78 -19.89
N TRP A 85 -4.61 20.43 -18.72
CA TRP A 85 -5.62 20.20 -17.71
C TRP A 85 -6.94 20.83 -18.13
N GLY A 86 -6.88 21.94 -18.86
CA GLY A 86 -8.09 22.59 -19.36
C GLY A 86 -8.90 21.73 -20.32
N LEU A 87 -8.20 21.05 -21.24
CA LEU A 87 -8.84 20.10 -22.14
C LEU A 87 -9.49 18.97 -21.38
N ALA A 88 -8.75 18.40 -20.43
CA ALA A 88 -9.25 17.31 -19.61
C ALA A 88 -10.56 17.72 -18.94
N ALA A 89 -10.56 18.92 -18.36
CA ALA A 89 -11.73 19.44 -17.67
C ALA A 89 -12.92 19.64 -18.63
N ALA A 90 -12.66 20.24 -19.79
CA ALA A 90 -13.73 20.51 -20.76
C ALA A 90 -14.29 19.21 -21.35
N VAL A 91 -13.42 18.24 -21.60
CA VAL A 91 -13.92 16.96 -22.10
C VAL A 91 -14.67 16.20 -21.02
N ASP A 92 -14.12 16.16 -19.81
CA ASP A 92 -14.81 15.45 -18.73
C ASP A 92 -16.16 16.10 -18.41
N GLU A 93 -16.26 17.43 -18.60
CA GLU A 93 -17.52 18.13 -18.39
C GLU A 93 -18.60 17.57 -19.32
N ALA A 94 -18.28 17.43 -20.59
CA ALA A 94 -19.21 16.85 -21.56
C ALA A 94 -19.56 15.40 -21.23
N LEU A 95 -18.55 14.62 -20.84
CA LEU A 95 -18.75 13.20 -20.55
C LEU A 95 -19.74 13.01 -19.41
N GLU A 96 -19.59 13.81 -18.36
CA GLU A 96 -20.44 13.72 -17.18
C GLU A 96 -21.86 14.22 -17.46
N ALA A 97 -21.97 15.26 -18.28
CA ALA A 97 -23.27 15.81 -18.64
C ALA A 97 -24.11 14.84 -19.47
N ASP A 98 -23.47 14.05 -20.33
CA ASP A 98 -24.18 13.13 -21.23
C ASP A 98 -24.27 11.71 -20.69
N ARG A 99 -23.87 11.53 -19.44
CA ARG A 99 -23.89 10.22 -18.80
C ARG A 99 -25.22 9.50 -18.97
N GLU A 100 -26.32 10.26 -18.94
CA GLU A 100 -27.66 9.70 -19.01
C GLU A 100 -28.33 9.95 -20.36
N ALA A 101 -27.72 10.79 -21.19
CA ALA A 101 -28.32 11.20 -22.46
C ALA A 101 -28.41 10.06 -23.46
N PRO A 102 -29.46 10.06 -24.30
CA PRO A 102 -29.60 9.08 -25.39
C PRO A 102 -28.55 9.33 -26.47
N ARG A 103 -28.06 10.56 -26.55
CA ARG A 103 -27.06 10.93 -27.54
C ARG A 103 -25.83 11.55 -26.86
N LYS A 104 -24.70 10.86 -26.90
CA LYS A 104 -23.45 11.44 -26.43
C LYS A 104 -22.96 12.46 -27.46
N ARG A 105 -22.65 13.67 -27.03
CA ARG A 105 -22.27 14.71 -27.96
C ARG A 105 -20.94 14.37 -28.63
N ALA A 106 -20.80 14.78 -29.90
CA ALA A 106 -19.56 14.55 -30.60
C ALA A 106 -18.52 15.53 -30.08
N LEU A 107 -17.28 15.08 -30.04
CA LEU A 107 -16.16 15.95 -29.68
C LEU A 107 -15.38 16.19 -30.94
N LEU A 108 -15.36 17.44 -31.38
CA LEU A 108 -14.70 17.83 -32.62
C LEU A 108 -13.44 18.61 -32.29
N ALA A 109 -12.29 17.94 -32.36
CA ALA A 109 -11.05 18.60 -32.03
C ALA A 109 -10.49 19.28 -33.26
N ILE A 110 -10.37 20.60 -33.19
CA ILE A 110 -9.75 21.35 -34.24
C ILE A 110 -8.27 21.50 -33.88
N VAL A 111 -7.42 20.93 -34.72
CA VAL A 111 -6.04 20.76 -34.33
C VAL A 111 -5.09 21.68 -35.09
N ASP A 112 -4.48 22.60 -34.38
CA ASP A 112 -3.40 23.42 -34.92
C ASP A 112 -2.50 23.81 -33.76
N VAL A 113 -1.59 22.91 -33.42
CA VAL A 113 -0.73 23.07 -32.25
C VAL A 113 0.72 22.82 -32.63
N PRO A 114 1.59 23.79 -32.32
CA PRO A 114 2.99 23.79 -32.76
C PRO A 114 3.87 22.78 -32.04
N SER A 115 3.58 22.56 -30.76
CA SER A 115 4.35 21.64 -29.91
C SER A 115 3.76 21.69 -28.52
N GLN A 116 4.23 20.80 -27.65
CA GLN A 116 4.02 20.99 -26.22
C GLN A 116 4.85 22.19 -25.76
N ALA A 117 4.51 22.73 -24.60
CA ALA A 117 5.35 23.76 -24.00
C ALA A 117 6.70 23.16 -23.56
N TYR A 118 7.77 23.94 -23.72
CA TYR A 118 9.11 23.55 -23.28
C TYR A 118 9.55 24.46 -22.16
N GLY A 119 9.81 23.94 -20.97
CA GLY A 119 10.25 24.80 -19.89
C GLY A 119 10.53 24.03 -18.62
N ARG A 120 11.29 24.64 -17.71
CA ARG A 120 11.66 23.99 -16.46
C ARG A 120 10.50 24.03 -15.48
N ARG A 121 9.69 25.08 -15.51
CA ARG A 121 8.51 25.10 -14.65
C ARG A 121 7.50 24.05 -15.11
N GLU A 122 7.35 23.91 -16.42
CA GLU A 122 6.46 22.90 -16.98
C GLU A 122 6.89 21.50 -16.52
N GLU A 123 8.18 21.17 -16.63
CA GLU A 123 8.64 19.86 -16.16
C GLU A 123 8.46 19.69 -14.66
N ALA A 124 8.84 20.69 -13.88
CA ALA A 124 8.75 20.60 -12.43
C ALA A 124 7.31 20.36 -11.97
N LEU A 125 6.36 20.99 -12.67
CA LEU A 125 4.96 20.89 -12.29
C LEU A 125 4.23 19.75 -13.00
N GLY A 126 4.98 18.92 -13.73
CA GLY A 126 4.42 17.72 -14.31
C GLY A 126 3.58 17.94 -15.56
N ILE A 127 4.13 18.62 -16.55
CA ILE A 127 3.43 18.78 -17.83
C ILE A 127 3.09 17.42 -18.47
N HIS A 128 3.93 16.39 -18.29
CA HIS A 128 3.58 15.07 -18.81
C HIS A 128 2.26 14.56 -18.21
N GLN A 129 1.98 14.93 -16.95
CA GLN A 129 0.78 14.47 -16.26
C GLN A 129 -0.43 15.25 -16.74
N ALA A 130 -0.23 16.54 -16.99
CA ALA A 130 -1.29 17.40 -17.52
C ALA A 130 -1.74 16.91 -18.88
N LEU A 131 -0.78 16.57 -19.74
CA LEU A 131 -1.14 16.07 -21.07
C LEU A 131 -1.76 14.68 -20.95
N ALA A 132 -1.30 13.88 -19.99
CA ALA A 132 -1.94 12.60 -19.72
C ALA A 132 -3.40 12.78 -19.32
N GLY A 133 -3.68 13.82 -18.52
CA GLY A 133 -5.05 14.15 -18.17
C GLY A 133 -5.93 14.37 -19.39
N ALA A 134 -5.41 15.08 -20.38
CA ALA A 134 -6.16 15.33 -21.61
C ALA A 134 -6.42 14.05 -22.39
N VAL A 135 -5.37 13.23 -22.52
CA VAL A 135 -5.47 11.96 -23.23
C VAL A 135 -6.49 11.03 -22.56
N ASP A 136 -6.39 10.93 -21.24
CA ASP A 136 -7.30 10.08 -20.48
C ASP A 136 -8.76 10.52 -20.68
N ALA A 137 -9.02 11.82 -20.60
CA ALA A 137 -10.39 12.31 -20.78
C ALA A 137 -10.94 12.01 -22.18
N TYR A 138 -10.15 12.32 -23.21
CA TYR A 138 -10.53 12.04 -24.59
C TYR A 138 -10.79 10.54 -24.83
N ALA A 139 -9.87 9.70 -24.36
CA ALA A 139 -10.04 8.25 -24.52
C ALA A 139 -11.28 7.72 -23.79
N ARG A 140 -11.49 8.17 -22.56
CA ARG A 140 -12.64 7.72 -21.80
C ARG A 140 -13.93 8.14 -22.49
N ALA A 141 -13.94 9.36 -23.02
CA ALA A 141 -15.09 9.84 -23.78
C ALA A 141 -15.35 8.96 -25.00
N ARG A 142 -14.29 8.62 -25.74
CA ARG A 142 -14.44 7.75 -26.90
C ARG A 142 -14.97 6.37 -26.50
N LEU A 143 -14.37 5.77 -25.47
CA LEU A 143 -14.80 4.45 -25.01
C LEU A 143 -16.25 4.46 -24.52
N ALA A 144 -16.69 5.59 -23.99
CA ALA A 144 -18.05 5.72 -23.46
C ALA A 144 -19.08 5.95 -24.57
N GLY A 145 -18.61 6.16 -25.79
CA GLY A 145 -19.52 6.33 -26.91
C GLY A 145 -19.63 7.73 -27.50
N HIS A 146 -18.81 8.66 -27.04
CA HIS A 146 -18.75 9.97 -27.72
C HIS A 146 -17.98 9.84 -29.03
N PRO A 147 -18.59 10.25 -30.15
CA PRO A 147 -17.80 10.28 -31.37
C PRO A 147 -16.74 11.36 -31.27
N LEU A 148 -15.48 11.00 -31.47
CA LEU A 148 -14.40 11.96 -31.51
C LEU A 148 -13.87 12.08 -32.92
N ILE A 149 -13.80 13.31 -33.41
CA ILE A 149 -13.24 13.58 -34.73
C ILE A 149 -12.14 14.60 -34.59
N GLY A 150 -10.98 14.29 -35.16
CA GLY A 150 -9.88 15.22 -35.16
C GLY A 150 -9.76 15.91 -36.51
N LEU A 151 -9.86 17.23 -36.52
CA LEU A 151 -9.73 17.98 -37.77
C LEU A 151 -8.39 18.71 -37.81
N LEU A 152 -7.49 18.25 -38.65
CA LEU A 152 -6.15 18.84 -38.71
C LEU A 152 -6.13 20.00 -39.69
N VAL A 153 -6.04 21.23 -39.20
CA VAL A 153 -6.11 22.39 -40.07
C VAL A 153 -4.75 23.06 -40.15
N GLY A 154 -3.81 22.62 -39.30
CA GLY A 154 -2.48 23.17 -39.28
C GLY A 154 -1.45 22.21 -38.71
N LYS A 155 -0.63 22.68 -37.78
CA LYS A 155 0.37 21.81 -37.20
C LYS A 155 -0.26 20.82 -36.22
N ALA A 156 0.21 19.58 -36.26
CA ALA A 156 -0.24 18.58 -35.31
C ALA A 156 0.99 17.87 -34.80
N MSE A 157 1.63 18.47 -33.78
CA MSE A 157 2.98 18.08 -33.42
C MSE A 157 3.11 17.37 -32.07
O MSE A 157 2.61 17.86 -31.08
CB MSE A 157 3.88 19.32 -33.41
CG MSE A 157 3.90 20.06 -34.73
SE MSE A 157 4.80 18.96 -36.09
CE MSE A 157 6.61 19.18 -35.41
N SER A 158 3.84 16.26 -32.07
CA SER A 158 4.41 15.70 -30.84
C SER A 158 3.37 15.48 -29.72
N GLY A 159 3.73 15.88 -28.50
CA GLY A 159 2.86 15.67 -27.34
C GLY A 159 1.59 16.50 -27.38
N ALA A 160 1.65 17.64 -28.06
CA ALA A 160 0.46 18.47 -28.21
C ALA A 160 -0.61 17.72 -28.99
N PHE A 161 -0.21 17.05 -30.08
CA PHE A 161 -1.16 16.26 -30.88
C PHE A 161 -1.64 15.02 -30.12
N LEU A 162 -0.76 14.37 -29.35
CA LEU A 162 -1.19 13.22 -28.54
C LEU A 162 -2.31 13.65 -27.58
N ALA A 163 -2.17 14.84 -27.01
CA ALA A 163 -3.13 15.35 -26.03
C ALA A 163 -4.39 15.89 -26.68
N HIS A 164 -4.26 16.42 -27.89
CA HIS A 164 -5.37 17.11 -28.53
C HIS A 164 -5.51 16.63 -29.98
N GLY A 165 -6.27 15.56 -30.16
CA GLY A 165 -6.54 15.05 -31.47
C GLY A 165 -6.27 13.57 -31.69
N TYR A 166 -5.20 13.03 -31.12
CA TYR A 166 -4.75 11.72 -31.60
C TYR A 166 -5.58 10.57 -31.00
N GLN A 167 -6.49 10.85 -30.07
CA GLN A 167 -7.38 9.79 -29.58
C GLN A 167 -8.67 9.67 -30.41
N ALA A 168 -8.75 10.38 -31.52
CA ALA A 168 -10.00 10.44 -32.30
C ALA A 168 -10.41 9.10 -32.91
N ASN A 169 -11.72 8.86 -32.99
CA ASN A 169 -12.27 7.79 -33.82
C ASN A 169 -11.89 7.94 -35.30
N ARG A 170 -11.88 9.19 -35.77
CA ARG A 170 -11.58 9.48 -37.18
C ARG A 170 -10.74 10.74 -37.29
N LEU A 171 -9.71 10.69 -38.13
CA LEU A 171 -8.86 11.84 -38.38
C LEU A 171 -9.09 12.36 -39.79
N ILE A 172 -9.38 13.65 -39.89
CA ILE A 172 -9.53 14.33 -41.17
C ILE A 172 -8.52 15.45 -41.26
N ALA A 173 -7.77 15.52 -42.36
CA ALA A 173 -6.78 16.58 -42.50
C ALA A 173 -7.11 17.45 -43.72
N LEU A 174 -6.86 18.75 -43.60
CA LEU A 174 -6.87 19.61 -44.77
C LEU A 174 -5.63 19.31 -45.62
N HIS A 175 -5.81 19.25 -46.94
CA HIS A 175 -4.73 18.91 -47.84
C HIS A 175 -4.01 20.20 -48.21
N ASP A 176 -3.07 20.60 -47.37
CA ASP A 176 -2.40 21.89 -47.47
C ASP A 176 -0.99 21.78 -46.89
N PRO A 177 -0.02 22.51 -47.48
CA PRO A 177 1.38 22.39 -47.04
C PRO A 177 1.63 22.85 -45.62
N GLY A 178 0.71 23.61 -45.04
CA GLY A 178 0.85 24.05 -43.66
C GLY A 178 0.39 23.00 -42.67
N VAL A 179 -0.23 21.93 -43.16
CA VAL A 179 -0.72 20.87 -42.31
C VAL A 179 0.38 19.82 -42.19
N MSE A 180 0.90 19.64 -41.00
CA MSE A 180 2.03 18.75 -40.80
C MSE A 180 1.85 17.96 -39.52
O MSE A 180 1.48 18.51 -38.48
CB MSE A 180 3.34 19.54 -40.75
CG MSE A 180 3.71 20.19 -42.08
SE MSE A 180 5.24 21.39 -41.91
CE MSE A 180 4.43 22.82 -40.86
N VAL A 181 2.08 16.65 -39.62
CA VAL A 181 2.07 15.78 -38.46
C VAL A 181 3.49 15.27 -38.27
N HIS A 182 4.02 15.38 -37.05
CA HIS A 182 5.35 14.82 -36.77
C HIS A 182 5.57 14.72 -35.27
N ALA A 183 6.68 14.09 -34.91
CA ALA A 183 7.04 13.88 -33.51
C ALA A 183 7.98 14.97 -33.00
N MSE A 184 8.68 15.65 -33.91
CA MSE A 184 9.54 16.76 -33.51
C MSE A 184 9.61 17.83 -34.59
O MSE A 184 9.37 17.55 -35.77
CB MSE A 184 10.94 16.25 -33.18
CG MSE A 184 11.73 15.85 -34.40
SE MSE A 184 13.33 14.77 -33.97
CE MSE A 184 12.45 13.02 -33.82
N GLY A 185 9.95 19.05 -34.18
CA GLY A 185 10.09 20.16 -35.11
C GLY A 185 11.22 19.97 -36.10
N LYS A 186 11.10 20.59 -37.27
CA LYS A 186 12.12 20.50 -38.30
C LYS A 186 13.47 21.04 -37.80
N ALA A 187 13.42 22.07 -36.97
CA ALA A 187 14.64 22.64 -36.41
C ALA A 187 15.32 21.61 -35.52
N ALA A 188 14.56 21.02 -34.59
CA ALA A 188 15.07 19.98 -33.70
C ALA A 188 15.64 18.79 -34.46
N ALA A 189 14.92 18.34 -35.49
CA ALA A 189 15.38 17.21 -36.29
C ALA A 189 16.69 17.55 -37.00
N ALA A 190 16.80 18.78 -37.50
CA ALA A 190 18.02 19.23 -38.16
C ALA A 190 19.22 19.17 -37.22
N ARG A 191 19.03 19.65 -35.98
CA ARG A 191 20.08 19.64 -34.97
C ARG A 191 20.56 18.22 -34.69
N ILE A 192 19.64 17.28 -34.54
CA ILE A 192 20.04 15.91 -34.22
C ILE A 192 20.71 15.19 -35.41
N THR A 193 20.38 15.58 -36.64
CA THR A 193 21.04 14.99 -37.81
C THR A 193 22.12 15.93 -38.36
N LEU A 194 22.48 16.93 -37.56
CA LEU A 194 23.59 17.84 -37.87
C LEU A 194 23.45 18.42 -39.28
N ARG A 195 22.40 19.22 -39.46
CA ARG A 195 22.01 19.72 -40.78
C ARG A 195 21.14 20.96 -40.66
N GLU A 199 17.60 21.11 -45.78
CA GLU A 199 18.52 19.99 -45.91
C GLU A 199 17.90 18.73 -45.33
N LEU A 200 17.27 18.86 -44.17
CA LEU A 200 16.55 17.76 -43.55
C LEU A 200 15.22 17.48 -44.26
N GLU A 201 14.59 18.53 -44.77
CA GLU A 201 13.38 18.40 -45.59
C GLU A 201 13.68 17.47 -46.76
N ALA A 202 14.85 17.65 -47.34
CA ALA A 202 15.29 16.85 -48.47
C ALA A 202 15.41 15.39 -48.08
N LEU A 203 16.11 15.14 -46.97
CA LEU A 203 16.29 13.78 -46.47
C LEU A 203 14.97 13.14 -46.06
N ALA A 204 14.16 13.89 -45.30
CA ALA A 204 12.90 13.39 -44.78
C ALA A 204 11.88 13.10 -45.89
N ALA A 205 12.04 13.77 -47.03
CA ALA A 205 11.09 13.65 -48.13
C ALA A 205 11.08 12.27 -48.78
N LYS A 206 12.17 11.53 -48.66
CA LYS A 206 12.26 10.21 -49.29
C LYS A 206 11.84 9.09 -48.34
N VAL A 207 11.61 9.44 -47.07
CA VAL A 207 11.25 8.44 -46.05
C VAL A 207 9.88 8.80 -45.46
N PRO A 208 8.81 8.13 -45.95
CA PRO A 208 7.44 8.57 -45.64
C PRO A 208 7.13 8.76 -44.14
N PRO A 209 7.47 7.79 -43.26
CA PRO A 209 7.11 8.06 -41.86
C PRO A 209 7.94 9.19 -41.24
N MSE A 210 9.00 9.60 -41.94
CA MSE A 210 9.88 10.66 -41.46
C MSE A 210 9.49 12.01 -42.03
O MSE A 210 9.90 13.06 -41.51
CB MSE A 210 11.32 10.30 -41.82
CG MSE A 210 12.36 11.24 -41.27
SE MSE A 210 14.13 10.66 -41.89
CE MSE A 210 15.19 12.15 -41.23
N ALA A 211 8.70 11.98 -43.09
CA ALA A 211 8.31 13.20 -43.79
C ALA A 211 7.29 14.03 -43.02
N TYR A 212 7.32 15.35 -43.24
CA TYR A 212 6.44 16.29 -42.55
C TYR A 212 5.13 16.57 -43.31
N ASP A 213 5.12 16.35 -44.61
CA ASP A 213 3.95 16.67 -45.43
C ASP A 213 2.78 15.71 -45.21
N ILE A 214 1.58 16.17 -45.53
CA ILE A 214 0.39 15.41 -45.20
C ILE A 214 0.14 14.27 -46.20
N ASP A 215 0.70 14.35 -47.41
CA ASP A 215 0.57 13.23 -48.33
C ASP A 215 1.33 11.99 -47.81
N SER A 216 2.56 12.22 -47.35
CA SER A 216 3.34 11.16 -46.73
C SER A 216 2.60 10.53 -45.56
N TYR A 217 2.04 11.36 -44.69
CA TYR A 217 1.31 10.87 -43.52
C TYR A 217 0.12 10.04 -43.95
N ALA A 218 -0.61 10.53 -44.97
CA ALA A 218 -1.77 9.83 -45.50
C ALA A 218 -1.40 8.44 -46.02
N SER A 219 -0.19 8.31 -46.58
CA SER A 219 0.25 7.02 -47.11
C SER A 219 0.45 5.97 -46.02
N LEU A 220 0.58 6.41 -44.77
CA LEU A 220 0.66 5.49 -43.63
C LEU A 220 -0.67 4.84 -43.27
N GLY A 221 -1.76 5.33 -43.86
CA GLY A 221 -3.08 4.81 -43.54
C GLY A 221 -3.67 5.31 -42.22
N LEU A 222 -3.20 6.45 -41.75
CA LEU A 222 -3.63 7.00 -40.47
C LEU A 222 -4.74 8.07 -40.58
N LEU A 223 -5.06 8.51 -41.79
CA LEU A 223 -6.18 9.44 -41.99
C LEU A 223 -7.40 8.73 -42.52
N TRP A 224 -8.58 9.12 -42.04
CA TRP A 224 -9.82 8.66 -42.64
C TRP A 224 -10.03 9.36 -43.99
N ARG A 225 -9.82 10.67 -44.01
CA ARG A 225 -9.90 11.48 -45.22
C ARG A 225 -9.06 12.71 -45.25
N THR A 226 -8.72 13.15 -46.46
CA THR A 226 -8.08 14.44 -46.66
C THR A 226 -9.03 15.32 -47.48
N LEU A 227 -8.91 16.64 -47.29
CA LEU A 227 -9.82 17.61 -47.90
C LEU A 227 -9.08 18.82 -48.44
N PRO A 228 -9.21 19.06 -49.75
CA PRO A 228 -8.61 20.29 -50.27
C PRO A 228 -9.49 21.49 -49.92
N VAL A 229 -8.87 22.66 -49.73
CA VAL A 229 -9.62 23.87 -49.43
C VAL A 229 -9.08 25.05 -50.27
N GLU A 230 -9.92 26.06 -50.53
CA GLU A 230 -9.50 27.21 -51.35
C GLU A 230 -8.65 28.22 -50.58
N THR A 231 -9.12 28.59 -49.39
CA THR A 231 -8.42 29.55 -48.56
C THR A 231 -8.31 28.94 -47.16
N VAL A 232 -7.20 28.26 -46.94
CA VAL A 232 -6.99 27.51 -45.71
C VAL A 232 -6.91 28.42 -44.47
N GLU A 233 -6.42 29.64 -44.64
CA GLU A 233 -6.20 30.55 -43.51
C GLU A 233 -7.53 31.09 -42.96
N VAL A 234 -8.45 31.42 -43.86
CA VAL A 234 -9.83 31.74 -43.47
C VAL A 234 -10.75 31.08 -44.48
N PRO A 235 -11.46 30.03 -44.04
CA PRO A 235 -12.26 29.25 -44.98
C PRO A 235 -13.29 30.08 -45.73
N SER A 236 -13.46 29.75 -47.00
CA SER A 236 -14.52 30.32 -47.81
C SER A 236 -15.83 29.67 -47.39
N THR A 237 -16.94 30.19 -47.89
CA THR A 237 -18.25 29.60 -47.58
C THR A 237 -18.31 28.17 -48.09
N ALA A 238 -17.76 27.95 -49.29
CA ALA A 238 -17.73 26.62 -49.90
C ALA A 238 -16.84 25.67 -49.09
N ASP A 239 -15.75 26.19 -48.57
CA ASP A 239 -14.85 25.42 -47.71
C ASP A 239 -15.58 24.93 -46.47
N LEU A 240 -16.28 25.87 -45.82
CA LEU A 240 -17.03 25.59 -44.61
C LEU A 240 -18.07 24.51 -44.88
N VAL A 241 -18.72 24.62 -46.04
CA VAL A 241 -19.70 23.62 -46.47
C VAL A 241 -19.06 22.25 -46.71
N ARG A 242 -17.91 22.23 -47.36
CA ARG A 242 -17.24 20.95 -47.63
C ARG A 242 -16.78 20.31 -46.31
N VAL A 243 -16.23 21.11 -45.41
CA VAL A 243 -15.74 20.57 -44.14
C VAL A 243 -16.89 20.10 -43.25
N ARG A 244 -17.95 20.88 -43.16
CA ARG A 244 -19.13 20.48 -42.37
C ARG A 244 -19.70 19.18 -42.90
N THR A 245 -19.73 19.05 -44.22
CA THR A 245 -20.25 17.84 -44.86
C THR A 245 -19.41 16.63 -44.47
N CYS A 246 -18.10 16.79 -44.58
CA CYS A 246 -17.17 15.71 -44.26
C CYS A 246 -17.25 15.31 -42.79
N LEU A 247 -17.32 16.30 -41.90
CA LEU A 247 -17.51 16.03 -40.46
C LEU A 247 -18.81 15.26 -40.21
N GLY A 248 -19.86 15.65 -40.94
CA GLY A 248 -21.13 14.96 -40.86
C GLY A 248 -21.02 13.50 -41.26
N GLU A 249 -20.28 13.24 -42.34
CA GLU A 249 -20.11 11.86 -42.80
C GLU A 249 -19.21 11.05 -41.84
N ALA A 250 -18.23 11.69 -41.24
CA ALA A 250 -17.39 11.02 -40.25
C ALA A 250 -18.24 10.61 -39.05
N LEU A 251 -19.09 11.54 -38.60
CA LEU A 251 -19.99 11.30 -37.49
C LEU A 251 -20.92 10.13 -37.77
N ALA A 252 -21.53 10.14 -38.96
CA ALA A 252 -22.39 9.05 -39.40
C ALA A 252 -21.63 7.74 -39.45
N ASP A 253 -20.38 7.79 -39.93
CA ASP A 253 -19.56 6.59 -40.07
C ASP A 253 -19.17 5.98 -38.71
N ILE A 254 -19.01 6.83 -37.69
CA ILE A 254 -18.63 6.37 -36.35
C ILE A 254 -19.80 5.75 -35.60
N LEU A 255 -20.94 6.44 -35.60
CA LEU A 255 -22.08 6.10 -34.75
C LEU A 255 -22.52 4.63 -34.87
N GLY A 256 -22.64 3.97 -33.72
CA GLY A 256 -23.09 2.59 -33.64
C GLY A 256 -21.99 1.58 -33.90
N GLY A 257 -20.85 2.05 -34.39
CA GLY A 257 -19.75 1.18 -34.76
C GLY A 257 -18.76 0.94 -33.63
N PRO A 258 -17.69 0.22 -33.93
CA PRO A 258 -16.65 -0.03 -32.91
C PRO A 258 -16.01 1.29 -32.48
N ARG A 259 -15.51 1.33 -31.24
CA ARG A 259 -15.04 2.58 -30.65
C ARG A 259 -13.51 2.70 -30.63
N ASP A 260 -12.84 1.98 -31.52
CA ASP A 260 -11.37 2.00 -31.60
C ASP A 260 -10.83 3.26 -32.26
N LEU A 261 -9.54 3.51 -32.04
CA LEU A 261 -8.82 4.57 -32.74
C LEU A 261 -8.96 4.41 -34.25
N GLY A 262 -9.06 5.54 -34.96
CA GLY A 262 -9.19 5.53 -36.41
C GLY A 262 -8.17 4.72 -37.16
N GLY A 263 -6.91 4.79 -36.73
CA GLY A 263 -5.84 4.06 -37.38
C GLY A 263 -6.07 2.57 -37.42
N ARG A 264 -7.10 2.11 -36.70
CA ARG A 264 -7.41 0.70 -36.54
C ARG A 264 -8.48 0.25 -37.52
N ARG A 270 0.48 -0.54 -43.03
CA ARG A 270 1.45 -0.77 -41.96
C ARG A 270 1.56 -2.27 -41.66
N GLU A 271 2.00 -3.04 -42.66
CA GLU A 271 1.97 -4.49 -42.57
C GLU A 271 2.82 -5.01 -41.40
N ALA A 272 3.87 -4.29 -41.05
CA ALA A 272 4.73 -4.72 -39.95
C ALA A 272 3.95 -4.75 -38.63
N SER A 273 3.13 -3.72 -38.40
CA SER A 273 2.28 -3.61 -37.21
C SER A 273 1.27 -4.73 -37.16
N ALA A 274 0.70 -5.03 -38.31
CA ALA A 274 -0.30 -6.07 -38.43
C ALA A 274 0.31 -7.42 -38.12
N ARG A 275 1.53 -7.65 -38.60
CA ARG A 275 2.23 -8.91 -38.34
C ARG A 275 2.51 -9.07 -36.85
N VAL A 276 2.95 -7.98 -36.23
CA VAL A 276 3.23 -7.98 -34.80
C VAL A 276 1.99 -8.42 -34.03
N ARG A 277 0.86 -7.80 -34.31
CA ARG A 277 -0.36 -8.12 -33.59
C ARG A 277 -0.84 -9.55 -33.86
N ARG A 278 -0.66 -10.04 -35.08
CA ARG A 278 -1.01 -11.43 -35.38
C ARG A 278 -0.12 -12.41 -34.59
N LEU A 279 1.18 -12.15 -34.55
CA LEU A 279 2.09 -13.03 -33.81
C LEU A 279 1.80 -13.03 -32.31
N LEU A 280 1.56 -11.85 -31.73
CA LEU A 280 1.20 -11.77 -30.31
C LEU A 280 -0.01 -12.62 -29.99
N ARG A 281 -1.04 -12.56 -30.82
CA ARG A 281 -2.24 -13.32 -30.58
C ARG A 281 -2.01 -14.84 -30.66
N GLU A 282 -1.22 -15.25 -31.66
CA GLU A 282 -0.84 -16.66 -31.83
C GLU A 282 -0.06 -17.16 -30.62
N GLN A 283 0.81 -16.31 -30.08
CA GLN A 283 1.72 -16.77 -29.04
C GLN A 283 1.26 -16.46 -27.60
N TRP A 284 0.17 -15.71 -27.47
CA TRP A 284 -0.31 -15.22 -26.17
C TRP A 284 -0.47 -16.31 -25.11
N ALA B 5 25.84 -12.50 -2.44
CA ALA B 5 24.44 -12.35 -2.87
C ALA B 5 23.76 -11.25 -2.06
N ARG B 6 24.35 -10.93 -0.91
CA ARG B 6 23.84 -9.88 -0.04
C ARG B 6 24.37 -8.49 -0.44
N LEU B 7 25.21 -8.44 -1.47
CA LEU B 7 25.86 -7.19 -1.87
C LEU B 7 25.14 -6.50 -3.03
N LEU B 8 25.23 -5.17 -3.08
CA LEU B 8 24.52 -4.35 -4.06
C LEU B 8 24.67 -4.81 -5.51
N ALA B 9 25.88 -5.19 -5.90
CA ALA B 9 26.15 -5.60 -7.28
C ALA B 9 25.30 -6.79 -7.70
N LEU B 10 24.92 -7.61 -6.72
CA LEU B 10 24.12 -8.79 -7.00
C LEU B 10 22.63 -8.57 -6.70
N ARG B 11 22.32 -7.45 -6.04
CA ARG B 11 20.92 -7.15 -5.70
C ARG B 11 20.32 -6.03 -6.55
N SER B 12 21.15 -5.35 -7.35
CA SER B 12 20.76 -4.14 -8.07
C SER B 12 19.74 -4.41 -9.16
N PHE B 13 18.78 -3.51 -9.32
CA PHE B 13 17.80 -3.62 -10.39
C PHE B 13 18.26 -2.87 -11.65
N THR B 14 18.78 -1.67 -11.46
CA THR B 14 19.15 -0.83 -12.60
C THR B 14 20.30 -1.41 -13.42
N GLU B 15 21.13 -2.23 -12.79
CA GLU B 15 22.25 -2.89 -13.46
C GLU B 15 21.79 -3.91 -14.51
N LEU B 16 20.53 -4.34 -14.42
CA LEU B 16 20.01 -5.38 -15.30
C LEU B 16 19.57 -4.81 -16.64
N GLY B 17 19.73 -5.59 -17.71
CA GLY B 17 19.20 -5.20 -19.01
C GLY B 17 17.70 -5.43 -18.97
N ALA B 18 17.00 -5.00 -20.01
CA ALA B 18 15.54 -5.09 -20.03
C ALA B 18 15.03 -6.52 -19.91
N ARG B 19 15.67 -7.45 -20.61
CA ARG B 19 15.23 -8.83 -20.60
C ARG B 19 15.47 -9.46 -19.23
N GLN B 20 16.61 -9.14 -18.62
CA GLN B 20 16.87 -9.62 -17.27
C GLN B 20 15.91 -9.02 -16.25
N ARG B 21 15.58 -7.75 -16.40
CA ARG B 21 14.60 -7.13 -15.50
C ARG B 21 13.27 -7.86 -15.58
N ALA B 22 12.86 -8.21 -16.80
CA ALA B 22 11.58 -8.87 -17.01
C ALA B 22 11.56 -10.26 -16.37
N ARG B 23 12.64 -11.00 -16.57
CA ARG B 23 12.76 -12.33 -16.00
C ARG B 23 12.81 -12.27 -14.47
N ALA B 24 13.46 -11.24 -13.94
CA ALA B 24 13.62 -11.10 -12.49
C ALA B 24 12.29 -10.77 -11.81
N LEU B 25 11.41 -10.06 -12.50
CA LEU B 25 10.17 -9.60 -11.85
C LEU B 25 9.05 -10.64 -11.89
N LEU B 26 8.97 -11.42 -12.98
CA LEU B 26 7.91 -12.42 -13.14
C LEU B 26 8.21 -13.63 -12.26
N ASP B 27 7.16 -14.33 -11.81
CA ASP B 27 7.36 -15.50 -10.95
C ASP B 27 8.34 -16.47 -11.59
N ALA B 28 9.19 -17.09 -10.76
CA ALA B 28 10.19 -18.01 -11.24
C ALA B 28 9.57 -19.15 -12.04
N GLY B 29 10.16 -19.44 -13.19
CA GLY B 29 9.65 -20.46 -14.09
C GLY B 29 8.45 -20.06 -14.96
N SER B 30 7.96 -18.82 -14.83
CA SER B 30 6.81 -18.39 -15.64
C SER B 30 7.19 -17.53 -16.86
N PHE B 31 8.39 -16.95 -16.85
CA PHE B 31 8.84 -16.05 -17.92
C PHE B 31 8.84 -16.70 -19.30
N ARG B 32 8.11 -16.09 -20.21
CA ARG B 32 7.91 -16.63 -21.55
C ARG B 32 7.94 -15.45 -22.53
N GLU B 33 9.03 -15.31 -23.29
CA GLU B 33 9.12 -14.16 -24.20
C GLU B 33 8.40 -14.35 -25.54
N LEU B 34 7.56 -13.38 -25.91
CA LEU B 34 6.85 -13.43 -27.19
C LEU B 34 7.65 -12.70 -28.26
N LEU B 35 7.50 -13.14 -29.51
CA LEU B 35 8.14 -12.45 -30.64
C LEU B 35 9.63 -12.33 -30.39
N ASP B 36 10.19 -13.42 -29.87
CA ASP B 36 11.59 -13.50 -29.47
C ASP B 36 12.54 -13.00 -30.56
N ASP B 57 15.07 -4.78 -32.16
CA ASP B 57 13.79 -4.09 -32.11
C ASP B 57 13.69 -3.25 -30.83
N GLY B 58 14.28 -3.73 -29.76
CA GLY B 58 14.45 -2.92 -28.56
C GLY B 58 13.35 -3.00 -27.51
N VAL B 59 12.36 -3.87 -27.71
CA VAL B 59 11.36 -4.11 -26.66
C VAL B 59 11.20 -5.60 -26.37
N VAL B 60 11.19 -5.95 -25.08
CA VAL B 60 10.88 -7.28 -24.62
C VAL B 60 9.41 -7.37 -24.24
N VAL B 61 8.65 -8.25 -24.86
CA VAL B 61 7.30 -8.52 -24.40
C VAL B 61 7.29 -9.94 -23.85
N ALA B 62 6.88 -10.07 -22.59
CA ALA B 62 6.94 -11.39 -21.95
C ALA B 62 5.65 -11.70 -21.24
N ARG B 63 5.25 -12.97 -21.29
CA ARG B 63 4.11 -13.46 -20.54
C ARG B 63 4.64 -14.17 -19.30
N GLY B 64 3.82 -14.21 -18.25
CA GLY B 64 4.24 -14.85 -17.02
C GLY B 64 3.19 -14.70 -15.96
N LEU B 65 3.59 -14.97 -14.71
CA LEU B 65 2.71 -14.81 -13.57
C LEU B 65 3.30 -13.77 -12.63
N LEU B 66 2.43 -12.99 -11.99
CA LEU B 66 2.86 -12.08 -10.93
C LEU B 66 2.09 -12.47 -9.67
N ASP B 67 2.77 -13.12 -8.74
CA ASP B 67 2.14 -13.71 -7.55
C ASP B 67 0.99 -14.64 -7.93
N GLY B 68 1.22 -15.47 -8.94
CA GLY B 68 0.21 -16.42 -9.38
C GLY B 68 -0.84 -15.87 -10.33
N GLN B 69 -0.80 -14.56 -10.60
CA GLN B 69 -1.81 -13.91 -11.44
C GLN B 69 -1.30 -13.71 -12.86
N PRO B 70 -2.16 -13.93 -13.86
CA PRO B 70 -1.74 -13.80 -15.26
C PRO B 70 -1.24 -12.38 -15.54
N ALA B 71 -0.15 -12.29 -16.30
CA ALA B 71 0.53 -11.01 -16.49
C ALA B 71 1.19 -10.92 -17.86
N VAL B 72 1.38 -9.69 -18.31
CA VAL B 72 2.21 -9.41 -19.47
C VAL B 72 3.12 -8.26 -19.06
N LEU B 73 4.34 -8.29 -19.56
CA LEU B 73 5.36 -7.32 -19.19
C LEU B 73 5.93 -6.78 -20.49
N ALA B 74 5.96 -5.46 -20.65
CA ALA B 74 6.70 -4.88 -21.76
C ALA B 74 7.84 -4.07 -21.19
N ALA B 75 9.05 -4.35 -21.65
CA ALA B 75 10.24 -3.67 -21.15
C ALA B 75 11.04 -3.11 -22.32
N ILE B 76 11.30 -1.80 -22.28
CA ILE B 76 12.07 -1.17 -23.36
C ILE B 76 13.54 -1.20 -23.00
N GLU B 77 14.36 -1.60 -23.96
CA GLU B 77 15.80 -1.63 -23.75
C GLU B 77 16.39 -0.26 -24.07
N GLY B 78 16.64 0.52 -23.03
CA GLY B 78 17.17 1.86 -23.17
C GLY B 78 18.59 1.89 -23.71
N ALA B 79 19.28 0.76 -23.63
CA ALA B 79 20.65 0.70 -24.13
C ALA B 79 20.70 0.59 -25.65
N PHE B 80 19.53 0.41 -26.27
CA PHE B 80 19.41 0.25 -27.72
C PHE B 80 18.62 1.41 -28.34
N GLN B 81 19.29 2.24 -29.14
CA GLN B 81 18.64 3.41 -29.76
C GLN B 81 18.11 4.37 -28.70
N GLY B 82 18.69 4.34 -27.49
CA GLY B 82 18.17 5.10 -26.37
C GLY B 82 16.74 4.73 -26.01
N GLY B 83 16.31 3.53 -26.39
CA GLY B 83 14.93 3.11 -26.17
C GLY B 83 13.92 3.84 -27.05
N SER B 84 14.39 4.40 -28.17
CA SER B 84 13.49 5.05 -29.12
C SER B 84 12.53 4.06 -29.74
N LEU B 85 11.25 4.41 -29.82
CA LEU B 85 10.24 3.51 -30.33
C LEU B 85 10.01 3.68 -31.83
N GLY B 86 9.83 2.56 -32.53
CA GLY B 86 9.51 2.58 -33.94
C GLY B 86 8.18 1.87 -34.15
N GLU B 87 7.92 1.49 -35.40
CA GLU B 87 6.68 0.80 -35.73
C GLU B 87 6.53 -0.55 -35.01
N VAL B 88 7.55 -1.38 -35.10
CA VAL B 88 7.48 -2.73 -34.54
C VAL B 88 7.50 -2.69 -33.00
N SER B 89 8.48 -2.04 -32.41
CA SER B 89 8.55 -1.93 -30.96
C SER B 89 7.27 -1.29 -30.40
N GLY B 90 6.77 -0.27 -31.09
CA GLY B 90 5.55 0.39 -30.66
C GLY B 90 4.34 -0.53 -30.69
N ALA B 91 4.21 -1.32 -31.77
CA ALA B 91 3.10 -2.26 -31.90
C ALA B 91 3.18 -3.41 -30.90
N LYS B 92 4.40 -3.81 -30.54
CA LYS B 92 4.57 -4.87 -29.55
C LYS B 92 3.96 -4.43 -28.21
N ILE B 93 4.21 -3.19 -27.82
CA ILE B 93 3.70 -2.71 -26.55
C ILE B 93 2.18 -2.52 -26.64
N ALA B 94 1.72 -1.82 -27.67
CA ALA B 94 0.28 -1.57 -27.85
C ALA B 94 -0.49 -2.88 -27.92
N GLY B 95 0.02 -3.83 -28.70
CA GLY B 95 -0.66 -5.10 -28.88
C GLY B 95 -0.71 -5.93 -27.62
N ALA B 96 0.34 -5.87 -26.82
CA ALA B 96 0.35 -6.59 -25.54
C ALA B 96 -0.74 -6.03 -24.61
N LEU B 97 -0.83 -4.71 -24.56
CA LEU B 97 -1.84 -4.05 -23.73
C LEU B 97 -3.25 -4.33 -24.25
N GLU B 98 -3.41 -4.36 -25.56
CA GLU B 98 -4.71 -4.65 -26.16
C GLU B 98 -5.18 -6.08 -25.83
N LEU B 99 -4.27 -7.04 -25.90
CA LEU B 99 -4.65 -8.42 -25.59
C LEU B 99 -4.95 -8.58 -24.09
N ALA B 100 -4.30 -7.79 -23.24
CA ALA B 100 -4.59 -7.86 -21.82
C ALA B 100 -6.00 -7.36 -21.55
N ALA B 101 -6.40 -6.29 -22.26
CA ALA B 101 -7.76 -5.80 -22.11
C ALA B 101 -8.75 -6.86 -22.60
N GLU B 102 -8.43 -7.49 -23.73
CA GLU B 102 -9.28 -8.56 -24.27
C GLU B 102 -9.44 -9.71 -23.27
N ASP B 103 -8.34 -10.11 -22.64
CA ASP B 103 -8.36 -11.11 -21.57
C ASP B 103 -9.39 -10.73 -20.50
N ASN B 104 -9.31 -9.48 -20.03
CA ASN B 104 -10.18 -9.04 -18.95
C ASN B 104 -11.64 -9.06 -19.36
N ARG B 105 -11.93 -8.71 -20.61
CA ARG B 105 -13.30 -8.80 -21.11
C ARG B 105 -13.77 -10.25 -21.20
N ASN B 106 -12.81 -11.18 -21.27
CA ASN B 106 -13.10 -12.61 -21.27
C ASN B 106 -13.03 -13.23 -19.87
N GLY B 107 -12.96 -12.39 -18.84
CA GLY B 107 -12.95 -12.87 -17.47
C GLY B 107 -11.60 -13.30 -16.91
N VAL B 108 -10.52 -12.96 -17.62
CA VAL B 108 -9.18 -13.33 -17.20
C VAL B 108 -8.45 -12.08 -16.75
N PRO B 109 -8.06 -12.00 -15.46
CA PRO B 109 -7.61 -10.72 -14.87
C PRO B 109 -6.16 -10.38 -15.17
N THR B 110 -5.81 -10.35 -16.45
CA THR B 110 -4.42 -10.12 -16.84
C THR B 110 -3.94 -8.72 -16.49
N ARG B 111 -2.77 -8.68 -15.85
CA ARG B 111 -2.15 -7.45 -15.36
C ARG B 111 -1.01 -7.06 -16.30
N ALA B 112 -0.87 -5.78 -16.61
CA ALA B 112 0.21 -5.32 -17.47
C ALA B 112 1.21 -4.48 -16.68
N LEU B 113 2.49 -4.81 -16.87
CA LEU B 113 3.60 -4.15 -16.20
C LEU B 113 4.53 -3.55 -17.26
N LEU B 114 4.75 -2.24 -17.17
CA LEU B 114 5.55 -1.52 -18.16
C LEU B 114 6.86 -1.05 -17.55
N LEU B 115 7.98 -1.50 -18.13
CA LEU B 115 9.31 -1.02 -17.74
C LEU B 115 9.78 0.00 -18.77
N LEU B 116 9.68 1.28 -18.40
CA LEU B 116 9.83 2.35 -19.38
C LEU B 116 11.19 3.04 -19.35
N GLU B 117 12.10 2.56 -20.20
CA GLU B 117 13.40 3.21 -20.37
C GLU B 117 13.43 3.70 -21.81
N THR B 118 13.11 4.96 -22.03
CA THR B 118 12.90 5.43 -23.38
C THR B 118 13.02 6.95 -23.48
N GLY B 119 13.47 7.42 -24.64
CA GLY B 119 13.67 8.85 -24.82
C GLY B 119 12.86 9.49 -25.93
N GLY B 120 12.06 8.69 -26.63
CA GLY B 120 11.20 9.24 -27.66
C GLY B 120 10.99 8.28 -28.82
N VAL B 121 10.83 8.82 -30.03
CA VAL B 121 10.66 7.94 -31.19
C VAL B 121 11.89 7.99 -32.10
N ARG B 122 12.02 6.97 -32.94
CA ARG B 122 13.04 6.93 -33.97
C ARG B 122 12.71 7.89 -35.11
N LEU B 123 13.60 8.85 -35.34
CA LEU B 123 13.35 9.86 -36.38
C LEU B 123 13.01 9.21 -37.72
N GLN B 124 13.68 8.11 -38.06
CA GLN B 124 13.44 7.41 -39.33
C GLN B 124 12.06 6.75 -39.45
N GLU B 125 11.40 6.52 -38.32
CA GLU B 125 10.03 5.99 -38.34
C GLU B 125 9.10 6.94 -37.57
N ALA B 126 9.44 8.22 -37.53
CA ALA B 126 8.88 9.15 -36.55
C ALA B 126 7.36 9.09 -36.43
N ASN B 127 6.63 9.12 -37.54
CA ASN B 127 5.17 9.19 -37.42
C ASN B 127 4.52 7.84 -37.09
N LEU B 128 5.21 6.75 -37.43
CA LEU B 128 4.75 5.43 -37.04
C LEU B 128 4.96 5.23 -35.54
N GLY B 129 6.10 5.70 -35.04
CA GLY B 129 6.37 5.66 -33.61
C GLY B 129 5.34 6.48 -32.83
N LEU B 130 5.00 7.66 -33.35
CA LEU B 130 4.07 8.56 -32.65
C LEU B 130 2.67 7.96 -32.67
N ALA B 131 2.26 7.41 -33.80
CA ALA B 131 0.97 6.75 -33.91
C ALA B 131 0.88 5.57 -32.94
N ALA B 132 1.97 4.83 -32.79
CA ALA B 132 2.01 3.70 -31.87
C ALA B 132 1.87 4.15 -30.42
N ILE B 133 2.46 5.29 -30.09
CA ILE B 133 2.32 5.85 -28.76
C ILE B 133 0.85 6.19 -28.49
N ALA B 134 0.15 6.73 -29.49
CA ALA B 134 -1.27 7.02 -29.31
C ALA B 134 -2.05 5.72 -29.08
N GLU B 135 -1.63 4.64 -29.74
CA GLU B 135 -2.28 3.35 -29.55
C GLU B 135 -1.96 2.73 -28.20
N ILE B 136 -0.72 2.91 -27.74
CA ILE B 136 -0.34 2.48 -26.41
C ILE B 136 -1.16 3.22 -25.35
N GLN B 137 -1.30 4.53 -25.53
CA GLN B 137 -2.06 5.34 -24.58
C GLN B 137 -3.53 4.90 -24.55
N ALA B 138 -4.12 4.70 -25.71
CA ALA B 138 -5.49 4.18 -25.81
C ALA B 138 -5.67 2.85 -25.10
N ALA B 139 -4.69 1.95 -25.27
CA ALA B 139 -4.79 0.61 -24.69
C ALA B 139 -4.67 0.65 -23.17
N ILE B 140 -3.90 1.61 -22.66
CA ILE B 140 -3.75 1.73 -21.21
C ILE B 140 -5.07 2.16 -20.58
N VAL B 141 -5.74 3.13 -21.21
CA VAL B 141 -7.00 3.62 -20.70
C VAL B 141 -8.05 2.50 -20.76
N ASP B 142 -8.09 1.78 -21.87
CA ASP B 142 -9.03 0.65 -22.02
C ASP B 142 -8.79 -0.41 -20.94
N LEU B 143 -7.52 -0.79 -20.74
CA LEU B 143 -7.19 -1.85 -19.79
C LEU B 143 -7.52 -1.43 -18.36
N GLN B 144 -7.40 -0.15 -18.06
CA GLN B 144 -7.60 0.34 -16.70
C GLN B 144 -9.09 0.55 -16.37
N ARG B 145 -9.97 0.06 -17.23
CA ARG B 145 -11.35 -0.19 -16.84
C ARG B 145 -11.45 -1.49 -16.02
N TYR B 146 -10.38 -2.29 -16.04
CA TYR B 146 -10.38 -3.61 -15.41
C TYR B 146 -9.24 -3.82 -14.42
N GLN B 147 -8.05 -3.37 -14.77
CA GLN B 147 -6.85 -3.64 -13.96
C GLN B 147 -5.91 -2.45 -14.00
N PRO B 148 -5.25 -2.15 -12.88
CA PRO B 148 -4.22 -1.09 -12.88
C PRO B 148 -3.02 -1.51 -13.74
N VAL B 149 -2.47 -0.58 -14.49
CA VAL B 149 -1.18 -0.77 -15.15
C VAL B 149 -0.14 -0.17 -14.22
N VAL B 150 0.93 -0.91 -13.97
CA VAL B 150 2.03 -0.40 -13.16
C VAL B 150 3.17 -0.04 -14.09
N ALA B 151 3.70 1.16 -13.95
CA ALA B 151 4.88 1.61 -14.70
C ALA B 151 6.06 1.75 -13.78
N VAL B 152 7.17 1.16 -14.17
CA VAL B 152 8.41 1.20 -13.40
C VAL B 152 9.43 1.97 -14.23
N ILE B 153 9.97 3.04 -13.65
CA ILE B 153 10.99 3.85 -14.29
C ILE B 153 12.22 3.80 -13.38
N ALA B 154 13.24 3.07 -13.77
CA ALA B 154 14.35 2.83 -12.85
C ALA B 154 15.65 3.48 -13.29
N GLY B 155 15.70 3.95 -14.53
CA GLY B 155 16.96 4.41 -15.07
C GLY B 155 17.78 3.25 -15.63
N PRO B 156 18.92 3.57 -16.27
CA PRO B 156 19.54 4.90 -16.30
C PRO B 156 18.98 5.86 -17.37
N VAL B 157 18.28 5.35 -18.37
CA VAL B 157 17.74 6.23 -19.40
C VAL B 157 16.58 7.06 -18.83
N GLY B 158 15.74 6.43 -18.02
CA GLY B 158 14.54 7.10 -17.56
C GLY B 158 13.51 7.17 -18.67
N CYS B 159 12.52 8.04 -18.51
CA CYS B 159 11.39 8.05 -19.43
C CYS B 159 11.04 9.46 -19.88
N PHE B 160 11.20 9.72 -21.17
CA PHE B 160 10.97 11.03 -21.76
C PHE B 160 10.15 10.89 -23.03
N GLY B 161 9.50 11.97 -23.42
CA GLY B 161 8.78 12.00 -24.69
C GLY B 161 7.34 11.55 -24.51
N GLY B 162 6.75 11.09 -25.62
CA GLY B 162 5.37 10.65 -25.64
C GLY B 162 5.10 9.53 -24.64
N MSE B 163 6.11 8.73 -24.34
CA MSE B 163 5.89 7.65 -23.38
C MSE B 163 5.81 8.16 -21.92
O MSE B 163 5.35 7.44 -21.04
CB MSE B 163 6.99 6.59 -23.52
CG MSE B 163 6.80 5.69 -24.75
SE MSE B 163 5.06 4.74 -24.76
CE MSE B 163 5.34 3.58 -23.26
N SER B 164 6.20 9.41 -21.67
CA SER B 164 6.02 9.96 -20.34
C SER B 164 4.56 10.32 -20.11
N ILE B 165 3.87 10.63 -21.20
CA ILE B 165 2.44 10.88 -21.13
C ILE B 165 1.74 9.54 -20.85
N ALA B 166 2.24 8.47 -21.46
CA ALA B 166 1.73 7.11 -21.17
C ALA B 166 1.94 6.78 -19.70
N ALA B 167 3.12 7.13 -19.17
CA ALA B 167 3.39 6.91 -17.74
C ALA B 167 2.36 7.65 -16.89
N GLY B 168 2.06 8.88 -17.30
CA GLY B 168 1.09 9.70 -16.58
C GLY B 168 -0.33 9.12 -16.60
N LEU B 169 -0.62 8.25 -17.57
CA LEU B 169 -1.91 7.56 -17.60
C LEU B 169 -1.96 6.35 -16.67
N CYS B 170 -0.81 5.76 -16.40
CA CYS B 170 -0.77 4.51 -15.63
C CYS B 170 -1.26 4.71 -14.20
N SER B 171 -1.98 3.71 -13.67
CA SER B 171 -2.50 3.77 -12.30
C SER B 171 -1.43 4.05 -11.26
N TYR B 172 -0.28 3.39 -11.40
CA TYR B 172 0.80 3.58 -10.44
C TYR B 172 2.12 3.76 -11.15
N VAL B 173 2.91 4.73 -10.69
CA VAL B 173 4.24 4.98 -11.23
C VAL B 173 5.29 4.82 -10.15
N LEU B 174 6.21 3.88 -10.37
CA LEU B 174 7.23 3.58 -9.36
C LEU B 174 8.57 4.03 -9.90
N VAL B 175 9.35 4.74 -9.09
CA VAL B 175 10.61 5.26 -9.55
C VAL B 175 11.75 4.96 -8.56
N THR B 176 12.97 4.94 -9.07
CA THR B 176 14.15 4.84 -8.23
C THR B 176 14.82 6.21 -8.15
N ARG B 177 15.88 6.30 -7.35
CA ARG B 177 16.68 7.52 -7.29
C ARG B 177 17.31 7.87 -8.64
N GLU B 178 17.74 6.87 -9.39
CA GLU B 178 18.38 7.08 -10.70
C GLU B 178 17.39 7.37 -11.83
N ALA B 179 16.10 7.29 -11.54
CA ALA B 179 15.09 7.51 -12.56
C ALA B 179 14.90 8.98 -12.84
N ARG B 180 14.65 9.29 -14.11
CA ARG B 180 14.09 10.57 -14.50
C ARG B 180 12.81 10.37 -15.31
N LEU B 181 11.83 11.25 -15.11
CA LEU B 181 10.56 11.18 -15.82
C LEU B 181 10.14 12.57 -16.25
N GLY B 182 9.91 12.78 -17.53
CA GLY B 182 9.46 14.09 -17.97
C GLY B 182 9.07 14.08 -19.42
N LEU B 183 8.46 15.18 -19.87
CA LEU B 183 8.01 15.25 -21.24
C LEU B 183 9.17 15.57 -22.18
N ASN B 184 9.90 16.64 -21.86
CA ASN B 184 11.02 17.09 -22.67
C ASN B 184 12.38 16.82 -22.02
N GLY B 185 13.33 16.30 -22.79
CA GLY B 185 14.67 16.05 -22.28
C GLY B 185 15.45 17.33 -22.02
N PRO B 186 16.59 17.21 -21.32
CA PRO B 186 17.43 18.36 -20.97
C PRO B 186 17.86 19.18 -22.18
N GLN B 187 18.29 18.47 -23.22
CA GLN B 187 18.88 19.15 -24.37
C GLN B 187 17.83 19.97 -25.11
N VAL B 188 16.65 19.38 -25.35
CA VAL B 188 15.62 20.09 -26.09
C VAL B 188 15.06 21.25 -25.25
N ILE B 189 15.09 21.13 -23.93
CA ILE B 189 14.66 22.25 -23.08
C ILE B 189 15.61 23.44 -23.25
N GLU B 190 16.91 23.19 -23.06
CA GLU B 190 17.92 24.25 -23.20
C GLU B 190 17.95 24.89 -24.59
N GLN B 191 17.73 24.08 -25.62
CA GLN B 191 17.75 24.60 -26.99
C GLN B 191 16.51 25.42 -27.33
N GLU B 192 15.41 25.14 -26.64
CA GLU B 192 14.16 25.85 -26.90
C GLU B 192 13.91 26.95 -25.87
N ALA B 193 14.20 26.66 -24.60
CA ALA B 193 13.85 27.57 -23.51
C ALA B 193 15.06 28.35 -22.97
N GLY B 194 16.26 27.95 -23.37
CA GLY B 194 17.48 28.61 -22.94
C GLY B 194 18.26 27.84 -21.89
N ILE B 195 19.53 28.23 -21.73
CA ILE B 195 20.43 27.62 -20.73
C ILE B 195 19.83 27.72 -19.33
N ALA B 196 19.04 28.77 -19.11
CA ALA B 196 18.37 28.98 -17.85
C ALA B 196 17.11 29.82 -18.03
N GLU B 197 16.16 29.66 -17.11
CA GLU B 197 14.96 30.47 -17.08
C GLU B 197 14.91 31.24 -15.76
N TYR B 198 14.05 32.24 -15.68
CA TYR B 198 14.11 33.20 -14.58
C TYR B 198 12.73 33.51 -14.00
N LEU B 209 14.85 18.57 -11.66
CA LEU B 209 13.40 18.70 -11.79
C LEU B 209 12.70 17.36 -12.04
N THR B 210 13.37 16.47 -12.75
CA THR B 210 12.69 15.29 -13.27
C THR B 210 13.08 13.99 -12.55
N GLY B 211 13.92 14.11 -11.53
CA GLY B 211 14.44 12.96 -10.82
C GLY B 211 13.37 12.23 -10.03
N GLY B 212 13.58 10.93 -9.82
CA GLY B 212 12.63 10.12 -9.07
C GLY B 212 12.23 10.68 -7.72
N GLU B 213 13.21 11.15 -6.95
CA GLU B 213 12.92 11.71 -5.63
C GLU B 213 12.00 12.93 -5.70
N GLN B 214 12.28 13.81 -6.65
CA GLN B 214 11.49 15.01 -6.89
C GLN B 214 10.05 14.66 -7.29
N ARG B 215 9.92 13.67 -8.17
CA ARG B 215 8.60 13.27 -8.65
C ARG B 215 7.77 12.73 -7.51
N PHE B 216 8.40 11.91 -6.68
CA PHE B 216 7.71 11.36 -5.53
C PHE B 216 7.30 12.48 -4.57
N ALA B 217 8.22 13.40 -4.31
CA ALA B 217 7.92 14.48 -3.36
C ALA B 217 6.79 15.38 -3.86
N SER B 218 6.66 15.55 -5.16
CA SER B 218 5.60 16.42 -5.69
C SER B 218 4.33 15.64 -6.03
N GLY B 219 4.29 14.36 -5.67
CA GLY B 219 3.10 13.54 -5.84
C GLY B 219 2.88 13.00 -7.25
N LEU B 220 3.89 13.11 -8.10
CA LEU B 220 3.79 12.67 -9.50
C LEU B 220 4.23 11.22 -9.69
N ALA B 221 4.86 10.65 -8.67
CA ALA B 221 5.15 9.22 -8.62
C ALA B 221 4.58 8.67 -7.33
N ASP B 222 4.19 7.40 -7.36
CA ASP B 222 3.48 6.81 -6.23
C ASP B 222 4.39 6.17 -5.19
N ALA B 223 5.56 5.72 -5.63
CA ALA B 223 6.52 5.14 -4.70
C ALA B 223 7.93 5.43 -5.18
N TYR B 224 8.82 5.59 -4.20
CA TYR B 224 10.25 5.86 -4.41
C TYR B 224 11.01 4.63 -3.92
N LEU B 225 11.61 3.88 -4.84
CA LEU B 225 12.18 2.57 -4.50
C LEU B 225 13.69 2.57 -4.42
N ALA B 226 14.23 1.78 -3.50
CA ALA B 226 15.65 1.49 -3.47
C ALA B 226 16.01 0.72 -4.72
N ASP B 227 17.26 0.85 -5.17
CA ASP B 227 17.70 0.11 -6.35
C ASP B 227 18.04 -1.32 -5.93
N ASP B 228 16.99 -2.09 -5.74
CA ASP B 228 17.10 -3.41 -5.16
C ASP B 228 16.00 -4.26 -5.79
N LEU B 229 16.41 -5.34 -6.44
CA LEU B 229 15.50 -6.24 -7.14
C LEU B 229 14.34 -6.75 -6.29
N ASP B 230 14.62 -7.27 -5.12
CA ASP B 230 13.57 -7.82 -4.28
C ASP B 230 12.58 -6.71 -3.89
N GLU B 231 13.10 -5.52 -3.59
CA GLU B 231 12.24 -4.40 -3.24
C GLU B 231 11.37 -3.94 -4.41
N VAL B 232 11.96 -3.82 -5.60
CA VAL B 232 11.18 -3.46 -6.78
C VAL B 232 10.07 -4.48 -7.03
N ARG B 233 10.42 -5.77 -6.97
CA ARG B 233 9.44 -6.81 -7.24
C ARG B 233 8.29 -6.78 -6.23
N THR B 234 8.62 -6.65 -4.95
CA THR B 234 7.58 -6.61 -3.94
C THR B 234 6.67 -5.39 -4.11
N SER B 235 7.24 -4.22 -4.43
CA SER B 235 6.40 -3.03 -4.62
C SER B 235 5.43 -3.23 -5.78
N VAL B 236 5.93 -3.79 -6.88
CA VAL B 236 5.11 -4.05 -8.05
C VAL B 236 3.93 -4.94 -7.66
N LEU B 237 4.21 -6.00 -6.93
CA LEU B 237 3.15 -6.93 -6.54
C LEU B 237 2.13 -6.27 -5.60
N ALA B 238 2.61 -5.43 -4.67
CA ALA B 238 1.71 -4.76 -3.72
C ALA B 238 0.77 -3.82 -4.47
N TYR B 239 1.29 -3.15 -5.49
CA TYR B 239 0.46 -2.20 -6.23
C TYR B 239 -0.57 -2.90 -7.09
N PHE B 240 -0.23 -4.02 -7.72
CA PHE B 240 -1.25 -4.80 -8.41
C PHE B 240 -2.31 -5.31 -7.46
N ALA B 241 -1.90 -5.74 -6.27
CA ALA B 241 -2.85 -6.29 -5.28
C ALA B 241 -3.79 -5.20 -4.74
N LYS B 242 -3.30 -3.97 -4.78
CA LYS B 242 -4.06 -2.78 -4.39
C LYS B 242 -5.26 -2.54 -5.33
N GLY B 243 -5.09 -2.86 -6.61
CA GLY B 243 -6.19 -2.69 -7.56
C GLY B 243 -6.27 -1.27 -8.07
N LEU B 244 -7.35 -0.97 -8.80
CA LEU B 244 -7.53 0.35 -9.40
C LEU B 244 -7.67 1.46 -8.34
N PRO B 245 -6.90 2.55 -8.49
CA PRO B 245 -7.02 3.67 -7.54
C PRO B 245 -8.38 4.39 -7.67
N ALA B 246 -8.90 4.84 -6.54
CA ALA B 246 -10.22 5.48 -6.51
C ALA B 246 -10.23 6.85 -7.21
N ARG B 247 -9.13 7.60 -7.06
CA ARG B 247 -9.06 8.92 -7.65
C ARG B 247 -7.64 9.22 -8.15
N PRO B 248 -7.31 8.66 -9.32
CA PRO B 248 -5.96 8.81 -9.89
C PRO B 248 -5.71 10.24 -10.36
N ARG B 249 -4.45 10.59 -10.59
CA ARG B 249 -4.06 11.96 -10.94
C ARG B 249 -4.79 12.49 -12.17
N CYS B 250 -5.04 11.63 -13.16
CA CYS B 250 -5.71 12.04 -14.41
C CYS B 250 -7.14 12.55 -14.20
N ARG B 251 -7.75 12.15 -13.09
CA ARG B 251 -9.12 12.55 -12.79
C ARG B 251 -9.18 13.79 -11.91
N ARG B 252 -8.06 14.49 -11.76
CA ARG B 252 -8.02 15.60 -10.82
C ARG B 252 -7.77 16.94 -11.51
N ALA B 253 -8.25 17.06 -12.75
CA ALA B 253 -8.00 18.25 -13.55
C ALA B 253 -8.45 19.55 -12.86
N GLU B 254 -9.65 19.55 -12.30
CA GLU B 254 -10.18 20.77 -11.67
C GLU B 254 -9.30 21.17 -10.48
N ASP B 255 -8.79 20.17 -9.77
CA ASP B 255 -7.91 20.43 -8.64
C ASP B 255 -6.55 20.96 -9.07
N TYR B 256 -5.97 20.38 -10.12
CA TYR B 256 -4.69 20.86 -10.62
C TYR B 256 -4.86 22.28 -11.15
N LEU B 257 -5.97 22.54 -11.82
CA LEU B 257 -6.25 23.87 -12.35
C LEU B 257 -6.37 24.90 -11.23
N ARG B 258 -7.07 24.55 -10.15
CA ARG B 258 -7.12 25.43 -8.98
C ARG B 258 -5.72 25.70 -8.45
N ARG B 259 -4.96 24.64 -8.17
CA ARG B 259 -3.62 24.77 -7.59
C ARG B 259 -2.65 25.58 -8.47
N LEU B 260 -2.72 25.38 -9.79
CA LEU B 260 -1.92 26.19 -10.70
C LEU B 260 -2.38 27.65 -10.66
N GLY B 261 -3.69 27.84 -10.53
CA GLY B 261 -4.28 29.16 -10.40
C GLY B 261 -3.74 29.92 -9.20
N ASP B 262 -3.25 29.18 -8.22
CA ASP B 262 -2.57 29.77 -7.07
C ASP B 262 -1.14 30.14 -7.47
N PHE C 21 14.85 -32.55 34.37
CA PHE C 21 13.99 -32.33 33.20
C PHE C 21 14.51 -31.20 32.33
N ALA C 22 13.95 -31.09 31.12
CA ALA C 22 14.32 -30.04 30.18
C ALA C 22 14.03 -28.67 30.76
N SER C 23 12.99 -28.59 31.60
CA SER C 23 12.60 -27.30 32.18
C SER C 23 11.68 -27.47 33.38
N ARG C 24 11.59 -26.43 34.21
CA ARG C 24 10.58 -26.39 35.25
C ARG C 24 9.16 -26.58 34.72
N GLY C 25 8.86 -25.92 33.61
CA GLY C 25 7.56 -26.08 32.95
C GLY C 25 7.23 -27.53 32.64
N LEU C 26 8.20 -28.25 32.09
CA LEU C 26 8.00 -29.68 31.81
C LEU C 26 7.84 -30.50 33.10
N ALA C 27 8.64 -30.18 34.11
CA ALA C 27 8.60 -30.92 35.37
C ALA C 27 7.25 -30.75 36.04
N TRP C 28 6.77 -29.51 36.13
CA TRP C 28 5.46 -29.24 36.71
C TRP C 28 4.30 -29.73 35.85
N PHE C 29 4.42 -29.68 34.53
CA PHE C 29 3.41 -30.27 33.65
C PHE C 29 3.21 -31.77 33.96
N GLN C 30 4.30 -32.53 33.95
CA GLN C 30 4.20 -33.97 34.17
C GLN C 30 3.64 -34.28 35.54
N ALA C 31 4.10 -33.56 36.56
CA ALA C 31 3.64 -33.80 37.91
C ALA C 31 2.14 -33.50 38.07
N LEU C 32 1.67 -32.44 37.44
CA LEU C 32 0.25 -32.04 37.56
C LEU C 32 -0.67 -32.82 36.65
N ALA C 33 -0.22 -33.08 35.43
CA ALA C 33 -1.05 -33.72 34.42
C ALA C 33 -0.91 -35.22 34.45
N GLY C 34 0.24 -35.68 34.92
CA GLY C 34 0.49 -37.11 35.02
C GLY C 34 1.00 -37.70 33.72
N SER C 35 1.12 -36.87 32.70
CA SER C 35 1.61 -37.33 31.40
C SER C 35 2.88 -36.57 31.01
N LEU C 36 3.66 -37.14 30.10
CA LEU C 36 4.99 -36.61 29.81
C LEU C 36 5.14 -36.19 28.35
N ALA C 37 4.74 -37.08 27.45
CA ALA C 37 4.91 -36.91 26.01
C ALA C 37 3.91 -35.93 25.40
N PRO C 38 4.28 -35.30 24.27
CA PRO C 38 3.31 -34.43 23.61
C PRO C 38 2.21 -35.25 22.96
N ARG C 39 1.05 -34.64 22.71
CA ARG C 39 0.01 -35.27 21.91
C ARG C 39 0.51 -35.43 20.48
N PRO C 40 0.07 -36.51 19.80
CA PRO C 40 0.40 -36.75 18.38
C PRO C 40 0.25 -35.51 17.48
N GLY C 41 -0.84 -34.77 17.63
CA GLY C 41 -1.08 -33.62 16.77
C GLY C 41 -0.28 -32.36 17.09
N ASP C 42 0.40 -32.33 18.23
CA ASP C 42 1.09 -31.12 18.71
C ASP C 42 2.58 -31.10 18.37
N PRO C 43 3.13 -29.90 18.16
CA PRO C 43 4.60 -29.81 18.13
C PRO C 43 5.20 -30.26 19.46
N ALA C 44 6.44 -30.73 19.46
CA ALA C 44 7.05 -31.27 20.66
C ALA C 44 7.36 -30.20 21.71
N SER C 45 7.32 -28.94 21.28
CA SER C 45 7.56 -27.81 22.17
C SER C 45 6.30 -27.47 22.99
N LEU C 46 5.23 -28.19 22.72
CA LEU C 46 3.96 -27.94 23.35
C LEU C 46 3.45 -29.17 24.09
N ARG C 47 3.11 -29.02 25.38
CA ARG C 47 2.47 -30.11 26.12
C ARG C 47 1.04 -29.76 26.46
N VAL C 48 0.11 -30.64 26.08
CA VAL C 48 -1.31 -30.42 26.31
C VAL C 48 -1.89 -31.70 26.88
N ALA C 49 -2.62 -31.60 27.99
CA ALA C 49 -3.33 -32.77 28.54
C ALA C 49 -4.66 -32.38 29.17
N ASP C 50 -5.63 -33.27 29.09
CA ASP C 50 -6.89 -33.10 29.81
C ASP C 50 -6.95 -34.02 31.01
N ALA C 51 -7.54 -33.54 32.11
CA ALA C 51 -7.75 -34.39 33.29
C ALA C 51 -8.86 -33.82 34.15
N GLU C 52 -9.40 -34.65 35.04
CA GLU C 52 -10.30 -34.17 36.09
C GLU C 52 -9.43 -33.91 37.30
N LEU C 53 -9.28 -32.64 37.63
CA LEU C 53 -8.49 -32.27 38.80
C LEU C 53 -9.41 -31.85 39.92
N ASP C 54 -9.47 -32.68 40.95
CA ASP C 54 -10.22 -32.39 42.15
C ASP C 54 -11.67 -31.97 41.85
N GLY C 55 -12.32 -32.69 40.94
CA GLY C 55 -13.73 -32.48 40.68
C GLY C 55 -14.10 -31.58 39.50
N TYR C 56 -13.11 -30.96 38.86
CA TYR C 56 -13.40 -30.03 37.75
C TYR C 56 -12.52 -30.36 36.53
N PRO C 57 -13.10 -30.33 35.31
CA PRO C 57 -12.31 -30.63 34.12
C PRO C 57 -11.29 -29.54 33.81
N VAL C 58 -10.04 -29.94 33.63
CA VAL C 58 -8.97 -28.99 33.30
C VAL C 58 -8.17 -29.44 32.08
N ARG C 59 -7.73 -28.46 31.28
CA ARG C 59 -6.74 -28.75 30.25
C ARG C 59 -5.46 -28.03 30.65
N PHE C 60 -4.38 -28.79 30.80
CA PHE C 60 -3.06 -28.27 31.11
C PHE C 60 -2.31 -27.89 29.83
N LEU C 61 -1.67 -26.74 29.84
CA LEU C 61 -0.90 -26.29 28.67
C LEU C 61 0.47 -25.78 29.10
N ALA C 62 1.53 -26.30 28.48
CA ALA C 62 2.88 -25.85 28.81
C ALA C 62 3.74 -25.75 27.56
N VAL C 63 4.48 -24.65 27.43
CA VAL C 63 5.49 -24.55 26.41
C VAL C 63 6.79 -25.05 27.01
N VAL C 64 7.50 -25.90 26.28
CA VAL C 64 8.68 -26.55 26.83
C VAL C 64 9.79 -26.56 25.77
N PRO C 65 11.04 -26.75 26.20
CA PRO C 65 12.10 -26.79 25.18
C PRO C 65 11.98 -27.99 24.24
N ASP C 66 12.23 -27.75 22.96
CA ASP C 66 12.36 -28.78 21.94
C ASP C 66 13.67 -28.56 21.18
N PRO C 67 14.73 -29.28 21.57
CA PRO C 67 16.02 -29.13 20.88
C PRO C 67 15.98 -29.58 19.41
N ASP C 68 14.91 -30.26 19.00
CA ASP C 68 14.76 -30.67 17.62
C ASP C 68 13.70 -29.86 16.88
N ASN C 69 13.38 -28.68 17.41
CA ASN C 69 12.42 -27.80 16.78
C ASN C 69 12.80 -27.55 15.32
N PRO C 70 11.84 -27.73 14.41
CA PRO C 70 12.03 -27.42 12.98
C PRO C 70 12.62 -26.02 12.78
N PHE C 71 12.23 -25.09 13.64
CA PHE C 71 12.80 -23.75 13.60
C PHE C 71 13.99 -23.65 14.54
N PRO C 72 15.20 -23.49 13.98
CA PRO C 72 16.46 -23.49 14.73
C PRO C 72 16.50 -22.43 15.85
N ARG C 73 15.82 -21.31 15.65
CA ARG C 73 15.86 -20.26 16.65
C ARG C 73 14.84 -20.48 17.78
N ALA C 74 14.15 -21.63 17.77
CA ALA C 74 13.20 -21.92 18.84
C ALA C 74 13.53 -23.28 19.48
N ARG C 75 14.81 -23.49 19.77
CA ARG C 75 15.25 -24.78 20.28
C ARG C 75 15.63 -24.76 21.75
N GLN C 76 15.40 -23.63 22.42
CA GLN C 76 15.69 -23.55 23.85
C GLN C 76 14.49 -23.05 24.66
N GLY C 77 13.30 -23.49 24.29
CA GLY C 77 12.11 -23.21 25.06
C GLY C 77 11.37 -21.94 24.68
N GLU C 78 11.86 -21.23 23.66
CA GLU C 78 11.21 -20.00 23.20
C GLU C 78 9.79 -20.23 22.71
N VAL C 79 8.96 -19.19 22.77
CA VAL C 79 7.69 -19.24 22.07
C VAL C 79 7.90 -18.71 20.64
N GLY C 80 7.95 -19.62 19.68
CA GLY C 80 8.12 -19.25 18.27
C GLY C 80 6.85 -19.46 17.47
N LEU C 81 7.02 -19.67 16.17
CA LEU C 81 5.88 -19.80 15.25
C LEU C 81 4.98 -20.99 15.58
N LEU C 82 5.56 -22.17 15.80
CA LEU C 82 4.73 -23.36 16.02
C LEU C 82 4.09 -23.32 17.41
N GLU C 83 4.76 -22.68 18.35
CA GLU C 83 4.27 -22.61 19.72
C GLU C 83 3.08 -21.66 19.81
N GLY C 84 3.18 -20.52 19.13
CA GLY C 84 2.09 -19.57 19.09
C GLY C 84 0.85 -20.15 18.45
N TRP C 85 0.98 -20.67 17.23
CA TRP C 85 -0.17 -21.23 16.53
C TRP C 85 -0.62 -22.53 17.20
N GLY C 86 0.32 -23.30 17.71
CA GLY C 86 0.00 -24.55 18.40
C GLY C 86 -0.87 -24.32 19.65
N LEU C 87 -0.53 -23.30 20.43
CA LEU C 87 -1.34 -22.92 21.59
C LEU C 87 -2.70 -22.44 21.13
N ALA C 88 -2.73 -21.61 20.09
CA ALA C 88 -3.99 -21.14 19.53
C ALA C 88 -4.92 -22.32 19.19
N ALA C 89 -4.36 -23.29 18.48
CA ALA C 89 -5.11 -24.46 18.07
C ALA C 89 -5.59 -25.28 19.28
N ALA C 90 -4.71 -25.50 20.26
CA ALA C 90 -5.07 -26.30 21.43
C ALA C 90 -6.17 -25.62 22.25
N VAL C 91 -6.10 -24.30 22.38
CA VAL C 91 -7.10 -23.59 23.17
C VAL C 91 -8.43 -23.53 22.39
N ASP C 92 -8.35 -23.26 21.09
CA ASP C 92 -9.56 -23.18 20.27
C ASP C 92 -10.31 -24.52 20.23
N GLU C 93 -9.55 -25.61 20.25
CA GLU C 93 -10.14 -26.94 20.28
C GLU C 93 -11.01 -27.13 21.52
N ALA C 94 -10.48 -26.77 22.70
CA ALA C 94 -11.25 -26.87 23.93
C ALA C 94 -12.46 -25.95 23.89
N LEU C 95 -12.27 -24.75 23.36
CA LEU C 95 -13.34 -23.76 23.30
C LEU C 95 -14.51 -24.25 22.45
N GLU C 96 -14.22 -24.79 21.27
CA GLU C 96 -15.24 -25.38 20.40
C GLU C 96 -15.91 -26.63 21.00
N ALA C 97 -15.11 -27.48 21.65
CA ALA C 97 -15.63 -28.71 22.23
C ALA C 97 -16.61 -28.43 23.37
N ASP C 98 -16.37 -27.37 24.13
CA ASP C 98 -17.16 -27.06 25.32
C ASP C 98 -18.29 -26.06 25.09
N ARG C 99 -18.54 -25.66 23.85
CA ARG C 99 -19.52 -24.61 23.58
C ARG C 99 -20.90 -24.87 24.22
N GLU C 100 -21.33 -26.11 24.21
CA GLU C 100 -22.62 -26.46 24.81
C GLU C 100 -22.52 -27.20 26.15
N ALA C 101 -21.32 -27.33 26.68
CA ALA C 101 -21.12 -28.07 27.93
C ALA C 101 -21.59 -27.26 29.14
N PRO C 102 -22.19 -27.95 30.13
CA PRO C 102 -22.56 -27.30 31.39
C PRO C 102 -21.37 -26.71 32.13
N ARG C 103 -20.19 -27.31 31.98
CA ARG C 103 -18.98 -26.81 32.64
C ARG C 103 -17.87 -26.61 31.61
N LYS C 104 -17.46 -25.36 31.40
CA LYS C 104 -16.35 -25.04 30.51
C LYS C 104 -15.04 -25.45 31.17
N ARG C 105 -14.19 -26.19 30.47
CA ARG C 105 -13.00 -26.71 31.15
C ARG C 105 -12.04 -25.56 31.50
N ALA C 106 -11.39 -25.70 32.64
CA ALA C 106 -10.37 -24.73 33.03
C ALA C 106 -9.18 -24.87 32.11
N LEU C 107 -8.46 -23.77 31.88
CA LEU C 107 -7.24 -23.79 31.10
C LEU C 107 -6.10 -23.42 32.04
N LEU C 108 -5.23 -24.37 32.32
CA LEU C 108 -4.16 -24.13 33.27
C LEU C 108 -2.88 -23.95 32.50
N ALA C 109 -2.46 -22.70 32.38
CA ALA C 109 -1.24 -22.42 31.64
C ALA C 109 -0.06 -22.50 32.61
N ILE C 110 0.81 -23.48 32.39
CA ILE C 110 2.00 -23.62 33.21
C ILE C 110 3.11 -22.87 32.52
N VAL C 111 3.56 -21.79 33.13
CA VAL C 111 4.39 -20.79 32.44
C VAL C 111 5.86 -20.85 32.85
N ASP C 112 6.71 -21.12 31.86
CA ASP C 112 8.15 -21.14 32.05
C ASP C 112 8.77 -20.97 30.67
N VAL C 113 8.80 -19.72 30.23
CA VAL C 113 9.20 -19.34 28.88
C VAL C 113 10.19 -18.18 28.95
N PRO C 114 11.37 -18.35 28.37
CA PRO C 114 12.49 -17.40 28.46
C PRO C 114 12.34 -16.17 27.58
N SER C 115 11.61 -16.30 26.47
CA SER C 115 11.42 -15.22 25.51
C SER C 115 10.64 -15.73 24.32
N GLN C 116 10.29 -14.80 23.44
CA GLN C 116 9.83 -15.12 22.10
C GLN C 116 11.06 -15.56 21.32
N ALA C 117 10.85 -16.24 20.20
CA ALA C 117 11.97 -16.64 19.33
C ALA C 117 12.50 -15.42 18.55
N TYR C 118 13.83 -15.30 18.47
CA TYR C 118 14.51 -14.23 17.72
C TYR C 118 15.09 -14.81 16.44
N GLY C 119 14.60 -14.37 15.29
CA GLY C 119 15.15 -14.89 14.05
C GLY C 119 14.50 -14.36 12.79
N ARG C 120 15.17 -14.63 11.67
CA ARG C 120 14.71 -14.19 10.35
C ARG C 120 13.48 -14.96 9.87
N ARG C 121 13.47 -16.28 10.06
CA ARG C 121 12.30 -17.06 9.67
C ARG C 121 11.08 -16.56 10.43
N GLU C 122 11.27 -16.32 11.72
CA GLU C 122 10.20 -15.85 12.59
C GLU C 122 9.60 -14.53 12.10
N GLU C 123 10.43 -13.53 11.86
CA GLU C 123 9.89 -12.26 11.39
C GLU C 123 9.32 -12.37 9.97
N ALA C 124 9.99 -13.12 9.09
CA ALA C 124 9.53 -13.25 7.71
C ALA C 124 8.14 -13.87 7.65
N LEU C 125 7.91 -14.87 8.50
CA LEU C 125 6.65 -15.63 8.48
C LEU C 125 5.59 -15.06 9.42
N GLY C 126 5.94 -14.00 10.14
CA GLY C 126 4.96 -13.29 10.95
C GLY C 126 4.75 -13.90 12.32
N ILE C 127 5.82 -13.98 13.10
CA ILE C 127 5.69 -14.53 14.44
C ILE C 127 4.73 -13.65 15.31
N HIS C 128 4.64 -12.36 15.02
CA HIS C 128 3.73 -11.50 15.77
C HIS C 128 2.28 -11.99 15.60
N GLN C 129 1.97 -12.50 14.40
CA GLN C 129 0.63 -12.99 14.09
C GLN C 129 0.36 -14.33 14.76
N ALA C 130 1.38 -15.18 14.82
CA ALA C 130 1.29 -16.47 15.49
C ALA C 130 0.98 -16.26 16.96
N LEU C 131 1.67 -15.30 17.57
CA LEU C 131 1.46 -15.08 19.00
C LEU C 131 0.09 -14.42 19.23
N ALA C 132 -0.36 -13.62 18.27
CA ALA C 132 -1.70 -13.03 18.37
C ALA C 132 -2.78 -14.11 18.31
N GLY C 133 -2.54 -15.15 17.52
CA GLY C 133 -3.45 -16.28 17.49
C GLY C 133 -3.64 -16.87 18.87
N ALA C 134 -2.55 -17.06 19.60
CA ALA C 134 -2.62 -17.60 20.94
C ALA C 134 -3.34 -16.67 21.92
N VAL C 135 -3.01 -15.39 21.86
CA VAL C 135 -3.69 -14.39 22.70
C VAL C 135 -5.19 -14.38 22.39
N ASP C 136 -5.53 -14.39 21.10
CA ASP C 136 -6.94 -14.36 20.69
C ASP C 136 -7.69 -15.55 21.27
N ALA C 137 -7.09 -16.72 21.15
CA ALA C 137 -7.72 -17.95 21.62
C ALA C 137 -7.94 -17.90 23.14
N TYR C 138 -6.89 -17.58 23.89
CA TYR C 138 -7.03 -17.53 25.35
C TYR C 138 -8.07 -16.50 25.80
N ALA C 139 -8.03 -15.32 25.18
CA ALA C 139 -8.93 -14.26 25.57
C ALA C 139 -10.36 -14.65 25.22
N ARG C 140 -10.56 -15.27 24.06
CA ARG C 140 -11.93 -15.67 23.68
C ARG C 140 -12.44 -16.78 24.60
N ALA C 141 -11.55 -17.69 24.98
CA ALA C 141 -11.92 -18.74 25.91
C ALA C 141 -12.32 -18.12 27.26
N ARG C 142 -11.55 -17.15 27.75
CA ARG C 142 -11.88 -16.49 29.01
C ARG C 142 -13.23 -15.77 28.92
N LEU C 143 -13.45 -15.02 27.83
CA LEU C 143 -14.72 -14.32 27.66
C LEU C 143 -15.90 -15.29 27.57
N ALA C 144 -15.65 -16.47 27.03
CA ALA C 144 -16.73 -17.46 26.88
C ALA C 144 -17.01 -18.24 28.17
N GLY C 145 -16.26 -17.96 29.23
CA GLY C 145 -16.51 -18.55 30.53
C GLY C 145 -15.55 -19.63 30.99
N HIS C 146 -14.53 -19.94 30.20
CA HIS C 146 -13.47 -20.86 30.65
C HIS C 146 -12.65 -20.16 31.73
N PRO C 147 -12.50 -20.81 32.90
CA PRO C 147 -11.59 -20.27 33.93
C PRO C 147 -10.14 -20.46 33.49
N LEU C 148 -9.41 -19.36 33.31
CA LEU C 148 -8.00 -19.45 32.92
C LEU C 148 -7.13 -19.15 34.11
N ILE C 149 -6.17 -20.01 34.40
CA ILE C 149 -5.23 -19.77 35.47
C ILE C 149 -3.81 -19.83 34.90
N GLY C 150 -3.01 -18.82 35.20
CA GLY C 150 -1.61 -18.84 34.81
C GLY C 150 -0.77 -19.16 36.05
N LEU C 151 -0.04 -20.27 36.00
CA LEU C 151 0.81 -20.69 37.11
C LEU C 151 2.26 -20.43 36.70
N LEU C 152 2.86 -19.44 37.33
CA LEU C 152 4.22 -19.03 36.97
C LEU C 152 5.23 -19.86 37.76
N VAL C 153 5.85 -20.85 37.13
CA VAL C 153 6.80 -21.73 37.84
C VAL C 153 8.25 -21.39 37.52
N GLY C 154 8.47 -20.56 36.50
CA GLY C 154 9.82 -20.18 36.12
C GLY C 154 9.81 -18.81 35.47
N LYS C 155 10.38 -18.73 34.28
CA LYS C 155 10.45 -17.47 33.56
C LYS C 155 9.10 -17.14 32.90
N ALA C 156 8.69 -15.89 33.01
CA ALA C 156 7.50 -15.41 32.31
C ALA C 156 7.89 -14.12 31.62
N MSE C 157 8.42 -14.26 30.41
CA MSE C 157 9.10 -13.16 29.74
C MSE C 157 8.40 -12.66 28.48
O MSE C 157 8.01 -13.47 27.62
CB MSE C 157 10.52 -13.58 29.37
CG MSE C 157 11.35 -14.09 30.52
SE MSE C 157 11.84 -12.60 31.67
CE MSE C 157 13.19 -11.77 30.56
N SER C 158 8.25 -11.34 28.40
CA SER C 158 8.01 -10.64 27.14
C SER C 158 6.77 -11.13 26.39
N GLY C 159 6.87 -11.20 25.06
CA GLY C 159 5.73 -11.66 24.27
C GLY C 159 5.41 -13.14 24.46
N ALA C 160 6.38 -13.92 24.92
CA ALA C 160 6.09 -15.33 25.23
C ALA C 160 5.03 -15.41 26.33
N PHE C 161 5.16 -14.57 27.35
CA PHE C 161 4.19 -14.52 28.45
C PHE C 161 2.87 -13.92 27.97
N LEU C 162 2.93 -12.85 27.15
CA LEU C 162 1.67 -12.32 26.60
C LEU C 162 0.88 -13.43 25.91
N ALA C 163 1.58 -14.29 25.19
CA ALA C 163 0.90 -15.35 24.41
C ALA C 163 0.51 -16.55 25.27
N HIS C 164 1.26 -16.80 26.32
CA HIS C 164 1.02 -17.98 27.14
C HIS C 164 1.00 -17.56 28.59
N GLY C 165 -0.17 -17.13 29.07
CA GLY C 165 -0.36 -16.88 30.48
C GLY C 165 -1.03 -15.55 30.79
N TYR C 166 -0.68 -14.48 30.07
CA TYR C 166 -1.04 -13.15 30.57
C TYR C 166 -2.53 -12.82 30.32
N GLN C 167 -3.28 -13.69 29.62
CA GLN C 167 -4.74 -13.47 29.51
C GLN C 167 -5.54 -14.14 30.65
N ALA C 168 -4.84 -14.69 31.64
CA ALA C 168 -5.52 -15.45 32.71
C ALA C 168 -6.47 -14.63 33.59
N ASN C 169 -7.57 -15.25 34.01
CA ASN C 169 -8.41 -14.70 35.09
C ASN C 169 -7.60 -14.45 36.34
N ARG C 170 -6.73 -15.39 36.69
CA ARG C 170 -5.90 -15.28 37.88
C ARG C 170 -4.49 -15.74 37.59
N LEU C 171 -3.51 -15.03 38.13
CA LEU C 171 -2.11 -15.41 38.04
C LEU C 171 -1.63 -15.87 39.40
N ILE C 172 -0.93 -17.00 39.44
CA ILE C 172 -0.40 -17.53 40.70
C ILE C 172 1.07 -17.78 40.46
N ALA C 173 1.94 -17.23 41.32
CA ALA C 173 3.37 -17.41 41.09
C ALA C 173 4.00 -18.22 42.23
N LEU C 174 4.87 -19.16 41.89
CA LEU C 174 5.62 -19.85 42.94
C LEU C 174 6.58 -18.84 43.57
N HIS C 175 6.73 -18.87 44.90
CA HIS C 175 7.56 -17.88 45.57
C HIS C 175 9.02 -18.35 45.59
N ASP C 176 9.73 -18.05 44.50
CA ASP C 176 11.07 -18.60 44.25
C ASP C 176 11.88 -17.62 43.41
N PRO C 177 13.19 -17.51 43.68
CA PRO C 177 14.06 -16.59 42.92
C PRO C 177 14.13 -16.90 41.42
N GLY C 178 13.91 -18.15 41.06
CA GLY C 178 13.92 -18.56 39.66
C GLY C 178 12.67 -18.15 38.89
N VAL C 179 11.68 -17.62 39.61
CA VAL C 179 10.44 -17.14 39.01
C VAL C 179 10.60 -15.65 38.75
N MSE C 180 10.51 -15.27 37.48
CA MSE C 180 10.77 -13.88 37.09
C MSE C 180 9.86 -13.47 35.95
O MSE C 180 9.67 -14.22 34.99
CB MSE C 180 12.22 -13.70 36.65
CG MSE C 180 13.21 -13.78 37.79
SE MSE C 180 15.03 -13.91 37.10
CE MSE C 180 14.97 -15.73 36.37
N VAL C 181 9.31 -12.27 36.08
CA VAL C 181 8.45 -11.66 35.07
C VAL C 181 9.11 -10.39 34.59
N HIS C 182 9.24 -10.23 33.28
CA HIS C 182 9.79 -8.99 32.75
C HIS C 182 9.52 -8.89 31.26
N ALA C 183 9.88 -7.75 30.67
CA ALA C 183 9.66 -7.53 29.23
C ALA C 183 10.92 -7.83 28.42
N MSE C 184 12.08 -7.83 29.08
CA MSE C 184 13.33 -8.12 28.38
C MSE C 184 14.36 -8.78 29.29
O MSE C 184 14.31 -8.63 30.52
CB MSE C 184 13.91 -6.84 27.77
CG MSE C 184 14.66 -5.93 28.74
SE MSE C 184 15.24 -4.25 27.89
CE MSE C 184 13.49 -3.34 27.83
N GLY C 185 15.27 -9.52 28.68
CA GLY C 185 16.28 -10.26 29.41
C GLY C 185 17.27 -9.32 30.05
N LYS C 186 17.88 -9.76 31.13
CA LYS C 186 18.83 -8.95 31.88
C LYS C 186 20.00 -8.49 31.00
N ALA C 187 20.45 -9.36 30.10
CA ALA C 187 21.55 -9.03 29.20
C ALA C 187 21.28 -7.76 28.39
N ALA C 188 20.18 -7.75 27.64
CA ALA C 188 19.82 -6.61 26.80
C ALA C 188 19.56 -5.38 27.65
N ALA C 189 18.86 -5.56 28.77
CA ALA C 189 18.60 -4.46 29.69
C ALA C 189 19.92 -3.97 30.30
N LEU C 200 23.08 -3.16 36.35
CA LEU C 200 21.69 -3.11 35.92
C LEU C 200 20.79 -3.72 36.99
N GLU C 201 21.16 -4.93 37.41
CA GLU C 201 20.48 -5.65 38.49
C GLU C 201 20.19 -4.77 39.69
N ALA C 202 21.18 -3.94 40.06
CA ALA C 202 21.07 -3.10 41.24
C ALA C 202 20.25 -1.84 40.96
N LEU C 203 20.27 -1.36 39.72
CA LEU C 203 19.43 -0.23 39.36
C LEU C 203 17.97 -0.66 39.32
N ALA C 204 17.73 -1.81 38.69
CA ALA C 204 16.39 -2.38 38.58
C ALA C 204 15.72 -2.53 39.95
N ALA C 205 16.49 -2.99 40.94
CA ALA C 205 15.93 -3.34 42.24
C ALA C 205 15.26 -2.18 42.99
N LYS C 206 15.63 -0.94 42.65
CA LYS C 206 15.08 0.21 43.35
C LYS C 206 13.73 0.71 42.80
N VAL C 207 13.41 0.29 41.58
CA VAL C 207 12.19 0.72 40.90
C VAL C 207 11.36 -0.52 40.59
N PRO C 208 10.25 -0.72 41.34
CA PRO C 208 9.50 -1.98 41.28
C PRO C 208 9.11 -2.45 39.87
N PRO C 209 8.58 -1.57 38.98
CA PRO C 209 8.24 -2.14 37.65
C PRO C 209 9.45 -2.58 36.83
N MSE C 210 10.65 -2.13 37.21
CA MSE C 210 11.87 -2.49 36.49
C MSE C 210 12.48 -3.79 36.96
O MSE C 210 13.27 -4.42 36.24
CB MSE C 210 12.92 -1.39 36.64
CG MSE C 210 12.84 -0.29 35.66
SE MSE C 210 14.49 0.80 35.79
CE MSE C 210 15.83 -0.47 35.17
N ALA C 211 12.15 -4.17 38.18
CA ALA C 211 12.76 -5.32 38.85
C ALA C 211 12.33 -6.66 38.23
N TYR C 212 13.16 -7.67 38.47
CA TYR C 212 12.96 -9.00 37.89
C TYR C 212 12.34 -9.97 38.89
N ASP C 213 12.49 -9.67 40.18
CA ASP C 213 12.09 -10.57 41.25
C ASP C 213 10.58 -10.59 41.43
N ILE C 214 10.06 -11.70 41.96
CA ILE C 214 8.61 -11.90 42.05
C ILE C 214 7.94 -11.10 43.17
N ASP C 215 8.70 -10.69 44.19
CA ASP C 215 8.11 -9.82 45.22
C ASP C 215 7.82 -8.44 44.66
N SER C 216 8.75 -7.88 43.90
CA SER C 216 8.53 -6.60 43.24
C SER C 216 7.31 -6.68 42.33
N TYR C 217 7.21 -7.76 41.56
CA TYR C 217 6.06 -7.96 40.68
C TYR C 217 4.76 -8.05 41.48
N ALA C 218 4.81 -8.76 42.59
CA ALA C 218 3.65 -8.88 43.46
C ALA C 218 3.21 -7.51 43.98
N SER C 219 4.16 -6.61 44.18
CA SER C 219 3.86 -5.28 44.70
C SER C 219 3.07 -4.44 43.69
N LEU C 220 3.01 -4.88 42.43
CA LEU C 220 2.24 -4.18 41.40
C LEU C 220 0.76 -4.54 41.45
N GLY C 221 0.40 -5.55 42.24
CA GLY C 221 -0.98 -6.00 42.33
C GLY C 221 -1.43 -6.87 41.18
N LEU C 222 -0.48 -7.45 40.44
CA LEU C 222 -0.83 -8.26 39.27
C LEU C 222 -1.05 -9.74 39.59
N LEU C 223 -0.60 -10.19 40.76
CA LEU C 223 -0.77 -11.60 41.13
C LEU C 223 -1.97 -11.82 42.02
N TRP C 224 -2.69 -12.92 41.80
CA TRP C 224 -3.75 -13.27 42.72
C TRP C 224 -3.14 -13.86 44.01
N ARG C 225 -2.12 -14.68 43.87
CA ARG C 225 -1.42 -15.22 44.99
C ARG C 225 0.02 -15.59 44.68
N THR C 226 0.86 -15.53 45.70
CA THR C 226 2.20 -16.09 45.59
C THR C 226 2.20 -17.36 46.44
N LEU C 227 2.68 -18.47 45.88
CA LEU C 227 2.55 -19.77 46.53
C LEU C 227 3.90 -20.30 46.99
N PRO C 228 4.10 -20.38 48.31
CA PRO C 228 5.41 -20.89 48.77
C PRO C 228 5.51 -22.38 48.48
N VAL C 229 6.70 -22.87 48.19
CA VAL C 229 6.92 -24.28 47.87
C VAL C 229 8.23 -24.77 48.48
N GLU C 230 8.33 -26.08 48.67
CA GLU C 230 9.55 -26.67 49.20
C GLU C 230 10.57 -27.02 48.12
N THR C 231 10.08 -27.53 47.00
CA THR C 231 10.92 -27.94 45.87
C THR C 231 10.39 -27.33 44.57
N VAL C 232 11.22 -26.60 43.86
CA VAL C 232 10.75 -25.94 42.65
C VAL C 232 11.13 -26.69 41.38
N GLU C 233 12.27 -27.37 41.39
CA GLU C 233 12.79 -27.95 40.15
C GLU C 233 12.04 -29.24 39.82
N VAL C 234 11.73 -30.04 40.83
CA VAL C 234 10.84 -31.18 40.69
C VAL C 234 9.94 -31.21 41.92
N PRO C 235 8.64 -30.99 41.73
CA PRO C 235 7.75 -30.78 42.87
C PRO C 235 7.63 -32.02 43.76
N SER C 236 7.69 -31.80 45.06
CA SER C 236 7.44 -32.86 46.03
C SER C 236 5.96 -33.21 46.01
N THR C 237 5.60 -34.29 46.66
CA THR C 237 4.22 -34.72 46.68
C THR C 237 3.40 -33.73 47.51
N ALA C 238 4.02 -33.20 48.58
CA ALA C 238 3.36 -32.20 49.42
C ALA C 238 3.15 -30.89 48.67
N ASP C 239 4.11 -30.54 47.82
CA ASP C 239 4.02 -29.32 47.01
C ASP C 239 2.86 -29.44 46.01
N LEU C 240 2.74 -30.59 45.37
CA LEU C 240 1.65 -30.84 44.43
C LEU C 240 0.28 -30.71 45.07
N VAL C 241 0.15 -31.24 46.29
CA VAL C 241 -1.09 -31.12 47.04
C VAL C 241 -1.43 -29.65 47.30
N ARG C 242 -0.44 -28.88 47.75
CA ARG C 242 -0.65 -27.48 48.04
C ARG C 242 -0.98 -26.67 46.78
N VAL C 243 -0.30 -26.99 45.68
CA VAL C 243 -0.58 -26.30 44.40
C VAL C 243 -1.98 -26.64 43.91
N ARG C 244 -2.35 -27.93 43.99
CA ARG C 244 -3.69 -28.35 43.62
C ARG C 244 -4.74 -27.67 44.48
N THR C 245 -4.46 -27.51 45.77
CA THR C 245 -5.34 -26.77 46.65
C THR C 245 -5.54 -25.32 46.20
N CYS C 246 -4.44 -24.66 45.90
CA CYS C 246 -4.48 -23.27 45.46
C CYS C 246 -5.22 -23.13 44.12
N LEU C 247 -4.95 -24.04 43.19
CA LEU C 247 -5.64 -24.02 41.90
C LEU C 247 -7.15 -24.19 42.12
N GLY C 248 -7.51 -25.05 43.07
CA GLY C 248 -8.91 -25.27 43.39
C GLY C 248 -9.57 -24.02 43.94
N GLU C 249 -8.85 -23.32 44.81
CA GLU C 249 -9.33 -22.05 45.34
C GLU C 249 -9.46 -20.97 44.25
N ALA C 250 -8.50 -20.93 43.33
CA ALA C 250 -8.55 -19.97 42.22
C ALA C 250 -9.76 -20.25 41.31
N LEU C 251 -9.98 -21.52 41.02
CA LEU C 251 -11.12 -21.92 40.21
C LEU C 251 -12.44 -21.46 40.83
N ALA C 252 -12.60 -21.70 42.13
CA ALA C 252 -13.80 -21.26 42.84
C ALA C 252 -13.89 -19.74 42.80
N ASP C 253 -12.77 -19.06 42.98
CA ASP C 253 -12.78 -17.61 43.01
C ASP C 253 -13.20 -17.05 41.63
N ILE C 254 -12.74 -17.70 40.57
CA ILE C 254 -13.11 -17.27 39.22
C ILE C 254 -14.58 -17.50 38.93
N LEU C 255 -15.07 -18.69 39.24
CA LEU C 255 -16.44 -19.03 38.91
C LEU C 255 -17.44 -18.24 39.76
N GLY C 256 -16.94 -17.63 40.83
CA GLY C 256 -17.78 -16.77 41.67
C GLY C 256 -17.91 -15.33 41.22
N GLY C 257 -17.21 -14.96 40.14
CA GLY C 257 -17.22 -13.57 39.69
C GLY C 257 -17.19 -13.35 38.18
N PRO C 258 -16.89 -12.13 37.75
CA PRO C 258 -16.87 -11.74 36.33
C PRO C 258 -15.66 -12.27 35.57
N ARG C 259 -15.70 -12.17 34.25
CA ARG C 259 -14.71 -12.81 33.40
C ARG C 259 -13.58 -11.86 32.99
N ASP C 260 -13.55 -10.66 33.58
CA ASP C 260 -12.62 -9.64 33.12
C ASP C 260 -11.27 -9.68 33.87
N LEU C 261 -10.44 -8.68 33.62
CA LEU C 261 -9.14 -8.56 34.26
C LEU C 261 -9.06 -7.36 35.22
N GLY C 262 -10.21 -6.82 35.58
CA GLY C 262 -10.28 -5.68 36.50
C GLY C 262 -9.57 -5.90 37.82
N GLY C 263 -9.58 -7.14 38.30
CA GLY C 263 -8.92 -7.48 39.56
C GLY C 263 -7.43 -7.13 39.62
N ARG C 264 -6.84 -6.81 38.48
CA ARG C 264 -5.40 -6.50 38.43
C ARG C 264 -5.10 -5.05 38.77
N LEU C 265 -6.13 -4.31 39.16
CA LEU C 265 -6.00 -2.92 39.53
C LEU C 265 -6.32 -2.80 41.02
N GLY C 266 -5.61 -1.93 41.73
CA GLY C 266 -5.89 -1.76 43.14
C GLY C 266 -4.66 -1.54 43.98
N ALA C 267 -3.52 -2.01 43.51
CA ALA C 267 -2.29 -1.85 44.27
C ALA C 267 -1.84 -0.41 44.22
N ALA C 268 -1.15 0.02 45.28
CA ALA C 268 -0.63 1.39 45.37
C ALA C 268 0.30 1.70 44.20
N ASN C 269 1.08 0.70 43.80
CA ASN C 269 2.04 0.87 42.72
C ASN C 269 1.39 1.00 41.33
N ARG C 270 0.09 0.68 41.24
CA ARG C 270 -0.65 0.91 39.99
C ARG C 270 -1.69 2.04 40.12
N GLU C 271 -1.46 2.97 41.05
CA GLU C 271 -2.34 4.11 41.24
C GLU C 271 -2.61 4.88 39.94
N ALA C 272 -1.56 5.10 39.15
CA ALA C 272 -1.68 5.89 37.92
C ALA C 272 -2.62 5.26 36.87
N SER C 273 -2.61 3.93 36.78
CA SER C 273 -3.51 3.18 35.89
C SER C 273 -4.96 3.41 36.28
N ALA C 274 -5.21 3.32 37.57
CA ALA C 274 -6.54 3.53 38.13
C ALA C 274 -7.05 4.92 37.83
N ARG C 275 -6.18 5.91 38.05
CA ARG C 275 -6.59 7.30 37.89
C ARG C 275 -6.81 7.64 36.41
N VAL C 276 -5.98 7.07 35.53
CA VAL C 276 -6.22 7.24 34.08
C VAL C 276 -7.62 6.74 33.73
N ARG C 277 -8.01 5.59 34.25
CA ARG C 277 -9.32 5.04 33.92
C ARG C 277 -10.47 5.90 34.46
N ARG C 278 -10.33 6.43 35.67
CA ARG C 278 -11.36 7.32 36.22
C ARG C 278 -11.52 8.62 35.40
N LEU C 279 -10.40 9.23 35.05
CA LEU C 279 -10.42 10.43 34.21
C LEU C 279 -11.02 10.18 32.82
N LEU C 280 -10.69 9.04 32.21
CA LEU C 280 -11.29 8.69 30.93
C LEU C 280 -12.79 8.57 31.06
N ARG C 281 -13.24 7.88 32.11
CA ARG C 281 -14.67 7.72 32.33
C ARG C 281 -15.32 9.09 32.53
N GLU C 282 -14.67 9.96 33.30
CA GLU C 282 -15.18 11.32 33.52
C GLU C 282 -15.32 12.13 32.24
N GLN C 283 -14.37 11.97 31.33
CA GLN C 283 -14.31 12.83 30.15
C GLN C 283 -14.93 12.23 28.90
N TRP C 284 -15.24 10.94 28.97
CA TRP C 284 -15.71 10.16 27.82
C TRP C 284 -16.87 10.78 27.04
N ARG D 11 -0.87 16.11 0.45
CA ARG D 11 -0.65 16.33 1.88
C ARG D 11 -0.33 15.02 2.61
N SER D 12 0.86 14.95 3.20
CA SER D 12 1.42 13.73 3.76
C SER D 12 0.87 13.32 5.13
N PHE D 13 0.69 12.03 5.34
CA PHE D 13 0.24 11.51 6.63
C PHE D 13 1.44 11.25 7.55
N THR D 14 2.48 10.60 7.04
CA THR D 14 3.63 10.23 7.88
C THR D 14 4.39 11.45 8.41
N GLU D 15 4.24 12.60 7.74
CA GLU D 15 4.89 13.82 8.19
C GLU D 15 4.24 14.42 9.44
N LEU D 16 3.03 13.97 9.76
CA LEU D 16 2.31 14.50 10.93
C LEU D 16 2.68 13.79 12.23
N GLY D 17 2.58 14.53 13.33
CA GLY D 17 2.73 13.95 14.65
C GLY D 17 1.45 13.21 15.01
N ALA D 18 1.50 12.47 16.11
CA ALA D 18 0.35 11.62 16.49
C ALA D 18 -0.92 12.45 16.64
N ARG D 19 -0.82 13.60 17.29
CA ARG D 19 -2.01 14.41 17.55
C ARG D 19 -2.59 14.93 16.25
N GLN D 20 -1.72 15.38 15.35
CA GLN D 20 -2.15 15.88 14.05
C GLN D 20 -2.74 14.77 13.18
N ARG D 21 -2.17 13.57 13.26
CA ARG D 21 -2.71 12.43 12.53
C ARG D 21 -4.13 12.14 13.01
N ALA D 22 -4.33 12.20 14.32
CA ALA D 22 -5.62 11.89 14.92
C ALA D 22 -6.66 12.90 14.47
N ARG D 23 -6.28 14.18 14.50
CA ARG D 23 -7.17 15.24 14.08
C ARG D 23 -7.55 15.14 12.60
N ALA D 24 -6.62 14.67 11.77
CA ALA D 24 -6.87 14.53 10.36
C ALA D 24 -7.82 13.39 10.00
N LEU D 25 -7.92 12.37 10.86
CA LEU D 25 -8.74 11.21 10.52
C LEU D 25 -10.19 11.28 11.00
N LEU D 26 -10.43 11.87 12.17
CA LEU D 26 -11.78 11.95 12.72
C LEU D 26 -12.60 12.98 11.92
N ASP D 27 -13.93 12.85 11.90
CA ASP D 27 -14.78 13.79 11.14
C ASP D 27 -14.46 15.21 11.60
N ALA D 28 -14.41 16.16 10.65
CA ALA D 28 -14.14 17.56 10.98
C ALA D 28 -15.09 18.08 12.06
N GLY D 29 -14.54 18.76 13.06
CA GLY D 29 -15.33 19.31 14.13
C GLY D 29 -15.71 18.32 15.23
N SER D 30 -15.25 17.07 15.14
CA SER D 30 -15.63 16.07 16.15
C SER D 30 -14.48 15.74 17.11
N PHE D 31 -13.26 16.09 16.73
CA PHE D 31 -12.08 15.73 17.51
C PHE D 31 -12.09 16.37 18.90
N ARG D 32 -11.98 15.54 19.91
CA ARG D 32 -12.09 15.93 21.30
C ARG D 32 -11.08 15.11 22.12
N GLU D 33 -9.94 15.71 22.49
CA GLU D 33 -8.90 14.94 23.17
C GLU D 33 -9.21 14.73 24.65
N LEU D 34 -9.02 13.49 25.13
CA LEU D 34 -9.13 13.16 26.56
C LEU D 34 -7.75 13.08 27.19
N LEU D 35 -7.63 13.58 28.42
CA LEU D 35 -6.35 13.55 29.13
C LEU D 35 -5.24 14.18 28.28
N ASP D 36 -5.54 15.37 27.76
CA ASP D 36 -4.60 16.08 26.89
C ASP D 36 -3.40 16.58 27.70
N PRO D 37 -2.38 17.17 27.03
CA PRO D 37 -1.17 17.51 27.80
C PRO D 37 -1.41 18.40 29.01
N PHE D 38 -2.53 19.13 29.04
CA PHE D 38 -2.76 20.03 30.16
C PHE D 38 -3.59 19.41 31.26
N ALA D 39 -3.99 18.15 31.06
CA ALA D 39 -4.52 17.34 32.16
C ALA D 39 -3.41 17.03 33.18
N GLY D 40 -2.15 17.10 32.73
CA GLY D 40 -1.01 16.76 33.57
C GLY D 40 -0.93 15.32 34.06
N VAL D 41 -1.51 14.39 33.30
CA VAL D 41 -1.46 12.96 33.64
C VAL D 41 -0.22 12.28 33.06
N GLN D 42 0.83 12.24 33.86
CA GLN D 42 2.16 11.88 33.38
C GLN D 42 2.64 10.59 34.01
N SER D 43 3.73 10.06 33.47
CA SER D 43 4.41 8.94 34.12
C SER D 43 4.94 9.33 35.49
N PRO D 44 4.59 8.55 36.52
CA PRO D 44 5.18 8.76 37.85
C PRO D 44 6.54 8.08 38.02
N TRP D 45 7.05 7.42 36.97
CA TRP D 45 8.29 6.62 37.09
C TRP D 45 9.53 7.28 36.47
N LEU D 46 9.33 8.25 35.59
CA LEU D 46 10.43 8.72 34.75
C LEU D 46 11.30 9.80 35.40
N GLU D 47 10.71 10.66 36.22
CA GLU D 47 11.45 11.77 36.82
C GLU D 47 12.59 11.30 37.70
N ARG D 48 12.31 10.32 38.54
CA ARG D 48 13.31 9.76 39.45
C ARG D 48 14.50 9.19 38.69
N GLN D 49 14.35 8.97 37.39
CA GLN D 49 15.42 8.40 36.59
C GLN D 49 16.05 9.46 35.67
N GLY D 50 15.68 10.72 35.87
CA GLY D 50 16.27 11.81 35.12
C GLY D 50 15.76 11.94 33.69
N ILE D 51 14.63 11.30 33.42
CA ILE D 51 14.01 11.36 32.10
C ILE D 51 12.84 12.35 32.11
N VAL D 52 12.78 13.21 31.09
CA VAL D 52 11.67 14.14 30.91
C VAL D 52 10.38 13.36 30.62
N PRO D 53 9.38 13.47 31.52
CA PRO D 53 8.09 12.83 31.23
C PRO D 53 7.24 13.70 30.32
N GLN D 54 6.79 13.16 29.19
CA GLN D 54 5.92 13.90 28.31
C GLN D 54 4.56 14.09 28.97
N ALA D 55 3.98 15.28 28.77
CA ALA D 55 2.71 15.63 29.42
C ALA D 55 1.56 14.67 29.12
N ASP D 56 1.57 14.04 27.94
CA ASP D 56 0.52 13.07 27.57
C ASP D 56 1.02 11.63 27.64
N ASP D 57 2.22 11.48 28.20
CA ASP D 57 2.97 10.23 28.25
C ASP D 57 3.14 9.55 26.90
N GLY D 58 3.03 10.32 25.82
CA GLY D 58 3.34 9.81 24.50
C GLY D 58 2.18 9.12 23.80
N VAL D 59 0.98 9.30 24.32
CA VAL D 59 -0.20 8.70 23.69
C VAL D 59 -1.30 9.74 23.62
N VAL D 60 -1.93 9.81 22.46
CA VAL D 60 -3.07 10.70 22.30
C VAL D 60 -4.33 9.84 22.30
N VAL D 61 -5.29 10.17 23.16
CA VAL D 61 -6.60 9.53 23.09
C VAL D 61 -7.62 10.60 22.74
N ALA D 62 -8.43 10.36 21.73
CA ALA D 62 -9.44 11.32 21.33
C ALA D 62 -10.78 10.67 21.02
N ARG D 63 -11.87 11.35 21.37
CA ARG D 63 -13.20 10.93 20.94
C ARG D 63 -13.53 11.68 19.67
N GLY D 64 -14.40 11.10 18.87
CA GLY D 64 -14.85 11.80 17.68
C GLY D 64 -15.91 11.00 16.98
N LEU D 65 -16.16 11.35 15.72
CA LEU D 65 -17.06 10.60 14.88
C LEU D 65 -16.28 10.11 13.68
N LEU D 66 -16.66 8.94 13.15
CA LEU D 66 -16.12 8.46 11.88
C LEU D 66 -17.32 8.13 10.98
N ASP D 67 -17.51 8.91 9.93
CA ASP D 67 -18.70 8.77 9.08
C ASP D 67 -19.97 8.95 9.91
N GLY D 68 -19.93 9.88 10.86
CA GLY D 68 -21.07 10.16 11.73
C GLY D 68 -21.31 9.17 12.85
N GLN D 69 -20.46 8.16 12.97
CA GLN D 69 -20.64 7.13 14.00
C GLN D 69 -19.66 7.35 15.16
N PRO D 70 -20.07 7.03 16.41
CA PRO D 70 -19.21 7.25 17.58
C PRO D 70 -17.88 6.51 17.47
N ALA D 71 -16.79 7.19 17.81
CA ALA D 71 -15.46 6.61 17.66
C ALA D 71 -14.54 7.02 18.80
N VAL D 72 -13.52 6.20 19.04
CA VAL D 72 -12.41 6.63 19.87
C VAL D 72 -11.13 6.29 19.10
N LEU D 73 -10.14 7.17 19.21
CA LEU D 73 -8.89 6.98 18.50
C LEU D 73 -7.75 7.02 19.52
N ALA D 74 -6.82 6.07 19.45
CA ALA D 74 -5.64 6.15 20.30
C ALA D 74 -4.41 6.11 19.42
N ALA D 75 -3.52 7.09 19.58
CA ALA D 75 -2.36 7.19 18.72
C ALA D 75 -1.10 7.28 19.57
N ILE D 76 -0.11 6.45 19.25
CA ILE D 76 1.15 6.49 19.97
C ILE D 76 2.11 7.45 19.27
N GLU D 77 2.79 8.28 20.05
CA GLU D 77 3.77 9.23 19.50
C GLU D 77 5.15 8.55 19.41
N GLY D 78 5.57 8.21 18.20
CA GLY D 78 6.84 7.52 17.99
C GLY D 78 8.07 8.36 18.33
N ALA D 79 7.89 9.68 18.43
CA ALA D 79 9.01 10.58 18.74
C ALA D 79 9.40 10.56 20.23
N PHE D 80 8.49 10.13 21.09
CA PHE D 80 8.77 10.09 22.53
C PHE D 80 9.15 8.66 22.94
N GLN D 81 10.39 8.50 23.39
CA GLN D 81 10.91 7.20 23.84
C GLN D 81 10.70 6.11 22.79
N GLY D 82 10.78 6.49 21.51
CA GLY D 82 10.59 5.55 20.42
C GLY D 82 9.18 4.95 20.38
N GLY D 83 8.24 5.63 21.01
CA GLY D 83 6.88 5.12 21.09
C GLY D 83 6.72 3.96 22.07
N SER D 84 7.71 3.75 22.93
CA SER D 84 7.64 2.65 23.90
C SER D 84 6.58 2.96 24.97
N LEU D 85 5.86 1.94 25.40
CA LEU D 85 4.70 2.14 26.26
C LEU D 85 5.05 1.97 27.73
N GLY D 86 4.48 2.83 28.57
CA GLY D 86 4.61 2.67 30.02
C GLY D 86 3.26 2.54 30.70
N GLU D 87 3.22 2.77 32.01
CA GLU D 87 1.98 2.58 32.77
C GLU D 87 0.85 3.49 32.31
N VAL D 88 1.12 4.79 32.23
CA VAL D 88 0.07 5.74 31.94
C VAL D 88 -0.34 5.67 30.46
N SER D 89 0.62 5.74 29.54
CA SER D 89 0.32 5.60 28.11
C SER D 89 -0.38 4.26 27.82
N GLY D 90 0.07 3.19 28.47
CA GLY D 90 -0.60 1.91 28.33
C GLY D 90 -2.04 1.90 28.83
N ALA D 91 -2.28 2.52 29.99
CA ALA D 91 -3.64 2.58 30.55
C ALA D 91 -4.57 3.49 29.72
N LYS D 92 -4.02 4.52 29.09
CA LYS D 92 -4.85 5.37 28.25
C LYS D 92 -5.42 4.59 27.09
N ILE D 93 -4.58 3.76 26.47
CA ILE D 93 -5.05 2.93 25.36
C ILE D 93 -6.03 1.87 25.86
N ALA D 94 -5.64 1.10 26.89
CA ALA D 94 -6.49 0.04 27.42
C ALA D 94 -7.83 0.61 27.89
N GLY D 95 -7.78 1.72 28.61
CA GLY D 95 -9.00 2.31 29.15
C GLY D 95 -9.93 2.80 28.05
N ALA D 96 -9.36 3.30 26.96
CA ALA D 96 -10.17 3.79 25.84
C ALA D 96 -10.90 2.64 25.16
N LEU D 97 -10.19 1.53 24.96
CA LEU D 97 -10.79 0.32 24.39
C LEU D 97 -11.85 -0.28 25.30
N GLU D 98 -11.58 -0.30 26.61
CA GLU D 98 -12.54 -0.84 27.59
C GLU D 98 -13.85 -0.03 27.58
N LEU D 99 -13.71 1.29 27.50
CA LEU D 99 -14.89 2.15 27.48
C LEU D 99 -15.67 2.00 26.16
N ALA D 100 -14.98 1.78 25.06
CA ALA D 100 -15.68 1.51 23.79
C ALA D 100 -16.51 0.21 23.88
N ALA D 101 -15.96 -0.82 24.53
CA ALA D 101 -16.70 -2.07 24.68
C ALA D 101 -17.92 -1.85 25.56
N GLU D 102 -17.73 -1.09 26.63
CA GLU D 102 -18.81 -0.73 27.53
C GLU D 102 -19.93 0.04 26.81
N ASP D 103 -19.54 0.99 25.95
CA ASP D 103 -20.47 1.70 25.08
C ASP D 103 -21.32 0.71 24.30
N ASN D 104 -20.65 -0.23 23.64
CA ASN D 104 -21.37 -1.20 22.83
C ASN D 104 -22.36 -2.03 23.66
N ARG D 105 -22.00 -2.36 24.91
CA ARG D 105 -22.91 -3.09 25.79
C ARG D 105 -24.06 -2.20 26.29
N ASN D 106 -23.92 -0.89 26.09
CA ASN D 106 -24.98 0.04 26.44
C ASN D 106 -25.71 0.55 25.20
N GLY D 107 -25.55 -0.14 24.07
CA GLY D 107 -26.29 0.20 22.87
C GLY D 107 -25.69 1.28 21.99
N VAL D 108 -24.47 1.70 22.30
CA VAL D 108 -23.77 2.72 21.49
C VAL D 108 -22.60 2.09 20.70
N PRO D 109 -22.69 2.10 19.36
CA PRO D 109 -21.76 1.31 18.54
C PRO D 109 -20.40 1.96 18.32
N THR D 110 -19.72 2.29 19.40
CA THR D 110 -18.42 2.94 19.35
C THR D 110 -17.34 2.05 18.74
N ARG D 111 -16.58 2.60 17.80
CA ARG D 111 -15.51 1.85 17.17
C ARG D 111 -14.17 2.47 17.52
N ALA D 112 -13.15 1.63 17.59
CA ALA D 112 -11.83 2.08 17.96
C ALA D 112 -10.85 2.04 16.78
N LEU D 113 -10.10 3.12 16.64
CA LEU D 113 -9.04 3.25 15.66
C LEU D 113 -7.69 3.37 16.38
N LEU D 114 -6.73 2.51 16.05
CA LEU D 114 -5.43 2.52 16.74
C LEU D 114 -4.34 2.95 15.77
N LEU D 115 -3.60 4.01 16.10
CA LEU D 115 -2.47 4.41 15.26
C LEU D 115 -1.19 3.96 15.96
N LEU D 116 -0.61 2.86 15.47
CA LEU D 116 0.45 2.15 16.18
C LEU D 116 1.85 2.52 15.67
N GLU D 117 2.51 3.40 16.39
CA GLU D 117 3.91 3.75 16.12
C GLU D 117 4.66 3.48 17.42
N THR D 118 5.35 2.36 17.51
CA THR D 118 5.88 1.92 18.80
C THR D 118 7.00 0.88 18.68
N GLY D 119 7.98 0.98 19.58
CA GLY D 119 9.13 0.09 19.56
C GLY D 119 9.08 -1.01 20.59
N GLY D 120 8.06 -1.00 21.45
CA GLY D 120 7.95 -1.99 22.49
C GLY D 120 7.50 -1.43 23.82
N VAL D 121 8.04 -1.97 24.91
CA VAL D 121 7.76 -1.48 26.26
C VAL D 121 8.94 -0.66 26.81
N ARG D 122 8.66 0.37 27.61
CA ARG D 122 9.74 1.11 28.28
C ARG D 122 10.45 0.27 29.32
N LEU D 123 11.77 0.12 29.24
CA LEU D 123 12.51 -0.58 30.30
C LEU D 123 12.25 0.07 31.66
N GLN D 124 12.19 1.40 31.68
CA GLN D 124 12.00 2.16 32.92
C GLN D 124 10.70 1.84 33.64
N GLU D 125 9.71 1.32 32.92
CA GLU D 125 8.42 0.95 33.52
C GLU D 125 8.01 -0.47 33.10
N ALA D 126 9.01 -1.33 32.91
CA ALA D 126 8.89 -2.56 32.11
C ALA D 126 7.67 -3.42 32.42
N ASN D 127 7.50 -3.82 33.67
CA ASN D 127 6.40 -4.75 33.94
C ASN D 127 5.03 -4.09 33.89
N LEU D 128 4.97 -2.77 34.10
CA LEU D 128 3.70 -2.09 33.99
C LEU D 128 3.33 -1.87 32.54
N GLY D 129 4.33 -1.61 31.70
CA GLY D 129 4.08 -1.48 30.27
C GLY D 129 3.60 -2.81 29.71
N LEU D 130 4.21 -3.90 30.15
CA LEU D 130 3.85 -5.21 29.63
C LEU D 130 2.46 -5.62 30.11
N ALA D 131 2.15 -5.32 31.38
CA ALA D 131 0.83 -5.63 31.92
C ALA D 131 -0.23 -4.82 31.17
N ALA D 132 0.10 -3.58 30.82
CA ALA D 132 -0.85 -2.75 30.08
C ALA D 132 -1.10 -3.32 28.69
N ILE D 133 -0.06 -3.87 28.05
CA ILE D 133 -0.24 -4.46 26.72
C ILE D 133 -1.18 -5.68 26.84
N ALA D 134 -1.02 -6.50 27.87
CA ALA D 134 -1.99 -7.58 28.12
C ALA D 134 -3.42 -7.06 28.20
N GLU D 135 -3.62 -5.92 28.87
CA GLU D 135 -4.95 -5.35 29.01
C GLU D 135 -5.47 -4.76 27.71
N ILE D 136 -4.55 -4.19 26.91
CA ILE D 136 -4.93 -3.68 25.60
C ILE D 136 -5.39 -4.82 24.72
N GLN D 137 -4.64 -5.93 24.75
CA GLN D 137 -5.00 -7.11 23.96
C GLN D 137 -6.37 -7.66 24.38
N ALA D 138 -6.61 -7.79 25.69
CA ALA D 138 -7.90 -8.24 26.20
C ALA D 138 -9.05 -7.36 25.73
N ALA D 139 -8.84 -6.05 25.79
CA ALA D 139 -9.91 -5.12 25.43
C ALA D 139 -10.20 -5.14 23.93
N ILE D 140 -9.18 -5.35 23.09
CA ILE D 140 -9.42 -5.51 21.67
C ILE D 140 -10.33 -6.71 21.39
N VAL D 141 -10.02 -7.83 22.03
CA VAL D 141 -10.80 -9.05 21.79
C VAL D 141 -12.25 -8.87 22.29
N ASP D 142 -12.41 -8.26 23.46
CA ASP D 142 -13.73 -7.95 24.00
C ASP D 142 -14.51 -7.04 23.01
N LEU D 143 -13.89 -5.96 22.60
CA LEU D 143 -14.55 -4.99 21.72
C LEU D 143 -14.96 -5.61 20.38
N GLN D 144 -14.16 -6.55 19.88
CA GLN D 144 -14.43 -7.13 18.57
C GLN D 144 -15.48 -8.24 18.62
N ARG D 145 -16.14 -8.38 19.77
CA ARG D 145 -17.43 -9.07 19.78
C ARG D 145 -18.51 -8.14 19.25
N TYR D 146 -18.21 -6.84 19.13
CA TYR D 146 -19.23 -5.88 18.70
C TYR D 146 -18.87 -5.07 17.45
N GLN D 147 -17.61 -4.59 17.39
CA GLN D 147 -17.18 -3.69 16.31
C GLN D 147 -15.74 -4.01 15.95
N PRO D 148 -15.40 -3.97 14.64
CA PRO D 148 -14.00 -4.19 14.24
C PRO D 148 -13.09 -3.06 14.74
N VAL D 149 -11.88 -3.40 15.17
CA VAL D 149 -10.86 -2.40 15.48
C VAL D 149 -10.01 -2.27 14.25
N VAL D 150 -9.73 -1.06 13.81
CA VAL D 150 -8.82 -0.82 12.71
C VAL D 150 -7.49 -0.35 13.27
N ALA D 151 -6.40 -1.00 12.87
CA ALA D 151 -5.06 -0.53 13.21
C ALA D 151 -4.41 0.07 11.97
N VAL D 152 -3.85 1.26 12.14
CA VAL D 152 -3.10 1.92 11.07
C VAL D 152 -1.63 1.98 11.46
N ILE D 153 -0.76 1.47 10.59
CA ILE D 153 0.68 1.53 10.84
C ILE D 153 1.26 2.31 9.66
N ALA D 154 1.83 3.48 9.92
CA ALA D 154 2.28 4.34 8.82
C ALA D 154 3.79 4.58 8.82
N GLY D 155 4.46 4.34 9.94
CA GLY D 155 5.85 4.76 10.05
C GLY D 155 5.97 6.21 10.49
N PRO D 156 7.19 6.70 10.69
CA PRO D 156 8.47 6.05 10.37
C PRO D 156 8.92 4.94 11.33
N VAL D 157 8.51 4.97 12.59
CA VAL D 157 8.94 3.91 13.53
C VAL D 157 8.38 2.55 13.14
N GLY D 158 7.09 2.50 12.81
CA GLY D 158 6.46 1.21 12.57
C GLY D 158 5.98 0.62 13.87
N CYS D 159 5.68 -0.68 13.88
CA CYS D 159 5.05 -1.30 15.04
C CYS D 159 5.80 -2.56 15.41
N PHE D 160 6.40 -2.57 16.60
CA PHE D 160 7.18 -3.70 17.10
C PHE D 160 6.76 -4.02 18.52
N GLY D 161 7.18 -5.19 19.00
CA GLY D 161 6.95 -5.58 20.38
C GLY D 161 5.55 -6.08 20.65
N GLY D 162 5.09 -5.97 21.90
CA GLY D 162 3.78 -6.47 22.26
C GLY D 162 2.64 -5.84 21.48
N MSE D 163 2.84 -4.62 20.98
CA MSE D 163 1.76 -3.99 20.23
C MSE D 163 1.64 -4.58 18.80
O MSE D 163 0.62 -4.34 18.15
CB MSE D 163 1.94 -2.47 20.16
CG MSE D 163 1.64 -1.76 21.49
SE MSE D 163 -0.18 -2.15 22.20
CE MSE D 163 -1.19 -1.34 20.77
N SER D 164 2.64 -5.31 18.33
CA SER D 164 2.51 -5.99 17.03
C SER D 164 1.62 -7.21 17.20
N ILE D 165 1.65 -7.77 18.41
CA ILE D 165 0.79 -8.89 18.73
C ILE D 165 -0.62 -8.32 18.79
N ALA D 166 -0.79 -7.14 19.38
CA ALA D 166 -2.11 -6.49 19.38
C ALA D 166 -2.60 -6.18 17.96
N ALA D 167 -1.69 -5.72 17.10
CA ALA D 167 -2.02 -5.47 15.68
C ALA D 167 -2.52 -6.77 15.04
N GLY D 168 -1.88 -7.88 15.38
CA GLY D 168 -2.28 -9.20 14.92
C GLY D 168 -3.67 -9.63 15.38
N LEU D 169 -4.18 -8.98 16.42
CA LEU D 169 -5.54 -9.23 16.89
C LEU D 169 -6.61 -8.43 16.18
N CYS D 170 -6.24 -7.30 15.60
CA CYS D 170 -7.23 -6.34 15.10
C CYS D 170 -7.91 -6.86 13.86
N SER D 171 -9.19 -6.53 13.69
CA SER D 171 -9.94 -6.94 12.50
C SER D 171 -9.25 -6.57 11.20
N TYR D 172 -8.78 -5.34 11.12
CA TYR D 172 -8.13 -4.84 9.91
C TYR D 172 -6.86 -4.10 10.25
N VAL D 173 -5.81 -4.42 9.49
CA VAL D 173 -4.51 -3.78 9.62
C VAL D 173 -4.17 -3.05 8.31
N LEU D 174 -4.08 -1.72 8.38
CA LEU D 174 -3.82 -0.91 7.20
C LEU D 174 -2.41 -0.36 7.27
N VAL D 175 -1.62 -0.54 6.22
CA VAL D 175 -0.22 -0.17 6.29
C VAL D 175 0.22 0.72 5.12
N THR D 176 1.19 1.60 5.38
CA THR D 176 1.86 2.33 4.30
C THR D 176 3.12 1.58 3.88
N ARG D 177 3.79 2.06 2.84
CA ARG D 177 5.05 1.48 2.41
C ARG D 177 6.16 1.65 3.45
N GLU D 178 6.17 2.80 4.13
CA GLU D 178 7.18 3.11 5.11
C GLU D 178 7.01 2.33 6.42
N ALA D 179 5.78 1.90 6.67
CA ALA D 179 5.45 1.09 7.84
C ALA D 179 6.26 -0.20 7.91
N ARG D 180 6.57 -0.64 9.13
CA ARG D 180 7.00 -2.01 9.37
C ARG D 180 6.12 -2.62 10.45
N LEU D 181 5.96 -3.93 10.40
CA LEU D 181 5.19 -4.63 11.43
C LEU D 181 5.98 -5.89 11.78
N GLY D 182 6.45 -5.98 13.01
CA GLY D 182 7.23 -7.14 13.38
C GLY D 182 7.25 -7.31 14.88
N LEU D 183 7.72 -8.45 15.36
CA LEU D 183 7.72 -8.66 16.81
C LEU D 183 8.96 -8.06 17.45
N ASN D 184 10.12 -8.57 17.03
CA ASN D 184 11.40 -8.10 17.57
C ASN D 184 12.03 -7.07 16.63
N GLY D 185 12.61 -6.03 17.20
CA GLY D 185 13.28 -5.00 16.40
C GLY D 185 14.53 -5.57 15.78
N PRO D 186 14.94 -5.03 14.63
CA PRO D 186 16.13 -5.54 13.91
C PRO D 186 17.40 -5.63 14.78
N GLN D 187 17.60 -4.63 15.63
CA GLN D 187 18.80 -4.58 16.48
C GLN D 187 18.83 -5.73 17.46
N VAL D 188 17.68 -6.00 18.09
CA VAL D 188 17.69 -7.04 19.11
C VAL D 188 17.87 -8.43 18.45
N ILE D 189 17.37 -8.61 17.23
CA ILE D 189 17.58 -9.90 16.57
C ILE D 189 19.04 -10.08 16.16
N GLU D 190 19.65 -9.02 15.72
CA GLU D 190 21.02 -9.12 15.35
C GLU D 190 21.89 -9.46 16.58
N GLN D 191 21.59 -8.81 17.68
CA GLN D 191 22.38 -9.04 18.89
C GLN D 191 22.15 -10.44 19.47
N GLU D 192 20.91 -10.94 19.41
CA GLU D 192 20.61 -12.26 19.97
C GLU D 192 20.99 -13.40 19.03
N ALA D 193 20.80 -13.19 17.74
CA ALA D 193 20.95 -14.29 16.80
C ALA D 193 22.16 -14.16 15.88
N GLY D 194 22.78 -12.98 15.87
CA GLY D 194 23.95 -12.77 15.02
C GLY D 194 23.66 -12.04 13.72
N ILE D 195 24.68 -11.39 13.19
CA ILE D 195 24.55 -10.60 11.97
C ILE D 195 24.20 -11.48 10.78
N ALA D 196 24.68 -12.72 10.78
CA ALA D 196 24.35 -13.67 9.74
C ALA D 196 22.84 -13.91 9.66
N GLU D 197 22.19 -13.96 10.83
CA GLU D 197 20.74 -14.13 10.90
C GLU D 197 19.98 -12.89 10.39
N TYR D 198 20.43 -11.71 10.81
CA TYR D 198 19.65 -10.49 10.64
C TYR D 198 20.54 -9.25 10.70
N ASP D 199 20.57 -8.50 9.60
CA ASP D 199 21.43 -7.31 9.53
C ASP D 199 20.60 -6.07 9.82
N SER D 200 20.76 -5.50 11.01
CA SER D 200 19.90 -4.40 11.44
C SER D 200 20.23 -3.09 10.75
N ARG D 201 21.27 -3.06 9.92
CA ARG D 201 21.60 -1.83 9.20
C ARG D 201 21.38 -1.96 7.69
N ASP D 202 20.80 -3.06 7.26
CA ASP D 202 20.43 -3.27 5.87
C ASP D 202 18.94 -2.93 5.69
N ARG D 203 18.65 -1.70 5.29
CA ARG D 203 17.26 -1.25 5.22
C ARG D 203 16.42 -2.01 4.18
N PRO D 204 16.90 -2.17 2.92
CA PRO D 204 16.08 -2.99 2.01
C PRO D 204 15.79 -4.39 2.55
N PHE D 205 16.76 -4.99 3.23
CA PHE D 205 16.55 -6.31 3.80
C PHE D 205 15.45 -6.27 4.87
N ILE D 206 15.55 -5.30 5.77
CA ILE D 206 14.58 -5.18 6.87
C ILE D 206 13.17 -4.97 6.34
N TRP D 207 12.99 -4.02 5.42
CA TRP D 207 11.67 -3.77 4.84
C TRP D 207 11.21 -4.90 3.92
N SER D 208 12.14 -5.66 3.34
CA SER D 208 11.74 -6.74 2.45
C SER D 208 10.95 -7.81 3.19
N LEU D 209 11.27 -8.03 4.46
CA LEU D 209 10.57 -9.03 5.24
C LEU D 209 9.45 -8.49 6.13
N THR D 210 9.60 -7.26 6.64
CA THR D 210 8.62 -6.75 7.61
C THR D 210 7.95 -5.43 7.22
N GLY D 211 8.26 -4.93 6.03
CA GLY D 211 7.69 -3.67 5.56
C GLY D 211 6.25 -3.81 5.12
N GLY D 212 5.55 -2.68 5.01
CA GLY D 212 4.12 -2.72 4.71
C GLY D 212 3.77 -3.46 3.42
N GLU D 213 4.54 -3.21 2.37
CA GLU D 213 4.25 -3.85 1.08
C GLU D 213 4.30 -5.37 1.17
N GLN D 214 5.35 -5.89 1.81
CA GLN D 214 5.45 -7.35 1.98
C GLN D 214 4.36 -7.91 2.89
N ARG D 215 4.10 -7.25 4.01
CA ARG D 215 3.03 -7.73 4.91
C ARG D 215 1.70 -7.77 4.15
N PHE D 216 1.43 -6.72 3.37
CA PHE D 216 0.19 -6.66 2.60
C PHE D 216 0.17 -7.76 1.53
N ALA D 217 1.26 -7.87 0.77
CA ALA D 217 1.29 -8.83 -0.33
C ALA D 217 1.20 -10.28 0.15
N SER D 218 1.64 -10.53 1.38
CA SER D 218 1.66 -11.87 1.93
C SER D 218 0.41 -12.20 2.75
N GLY D 219 -0.51 -11.24 2.83
CA GLY D 219 -1.76 -11.47 3.52
C GLY D 219 -1.78 -11.15 5.01
N LEU D 220 -0.69 -10.57 5.51
CA LEU D 220 -0.60 -10.27 6.95
C LEU D 220 -1.01 -8.82 7.28
N ALA D 221 -1.37 -8.06 6.25
CA ALA D 221 -2.06 -6.78 6.42
C ALA D 221 -3.17 -6.73 5.38
N ASP D 222 -4.13 -5.85 5.58
CA ASP D 222 -5.37 -5.93 4.81
C ASP D 222 -5.52 -4.88 3.75
N ALA D 223 -4.78 -3.79 3.88
CA ALA D 223 -4.81 -2.75 2.88
C ALA D 223 -3.48 -2.03 2.82
N TYR D 224 -3.22 -1.49 1.64
CA TYR D 224 -1.98 -0.80 1.37
C TYR D 224 -2.32 0.67 1.12
N LEU D 225 -1.87 1.55 2.01
CA LEU D 225 -2.22 2.96 1.99
C LEU D 225 -1.14 3.81 1.35
N ALA D 226 -1.52 4.66 0.41
CA ALA D 226 -0.65 5.75 0.01
C ALA D 226 -0.46 6.69 1.21
N ASP D 227 0.69 7.36 1.25
CA ASP D 227 1.01 8.30 2.32
C ASP D 227 0.30 9.63 2.07
N ASP D 228 -1.01 9.61 2.21
CA ASP D 228 -1.85 10.73 1.82
C ASP D 228 -3.05 10.82 2.76
N LEU D 229 -3.21 11.98 3.39
CA LEU D 229 -4.30 12.23 4.34
C LEU D 229 -5.66 11.72 3.88
N ASP D 230 -6.05 12.12 2.67
CA ASP D 230 -7.38 11.79 2.17
C ASP D 230 -7.53 10.28 1.96
N GLU D 231 -6.48 9.62 1.48
CA GLU D 231 -6.56 8.19 1.24
C GLU D 231 -6.61 7.42 2.55
N VAL D 232 -5.82 7.86 3.53
CA VAL D 232 -5.80 7.16 4.81
C VAL D 232 -7.19 7.27 5.46
N ARG D 233 -7.75 8.47 5.49
CA ARG D 233 -9.07 8.63 6.08
C ARG D 233 -10.13 7.82 5.33
N THR D 234 -10.11 7.86 4.00
CA THR D 234 -11.13 7.19 3.20
C THR D 234 -11.04 5.68 3.38
N SER D 235 -9.82 5.18 3.43
CA SER D 235 -9.58 3.77 3.67
C SER D 235 -10.05 3.33 5.06
N VAL D 236 -9.74 4.10 6.08
CA VAL D 236 -10.18 3.78 7.44
C VAL D 236 -11.70 3.69 7.48
N LEU D 237 -12.38 4.66 6.87
CA LEU D 237 -13.84 4.65 6.86
C LEU D 237 -14.41 3.44 6.12
N ALA D 238 -13.82 3.08 4.98
CA ALA D 238 -14.26 1.91 4.22
C ALA D 238 -14.15 0.61 5.02
N TYR D 239 -13.09 0.47 5.81
CA TYR D 239 -12.92 -0.75 6.56
C TYR D 239 -13.83 -0.84 7.79
N PHE D 240 -14.12 0.28 8.46
CA PHE D 240 -15.13 0.21 9.52
C PHE D 240 -16.47 -0.17 8.91
N ALA D 241 -16.72 0.31 7.70
CA ALA D 241 -18.00 0.05 7.06
C ALA D 241 -18.20 -1.43 6.71
N LYS D 242 -17.11 -2.22 6.66
CA LYS D 242 -17.21 -3.64 6.36
C LYS D 242 -17.71 -4.42 7.56
N GLY D 243 -17.52 -3.87 8.75
CA GLY D 243 -17.89 -4.60 9.95
C GLY D 243 -16.89 -5.69 10.24
N LEU D 244 -17.29 -6.64 11.09
CA LEU D 244 -16.37 -7.69 11.53
C LEU D 244 -16.07 -8.67 10.41
N PRO D 245 -14.78 -8.99 10.18
CA PRO D 245 -14.49 -9.89 9.06
C PRO D 245 -14.91 -11.33 9.37
N ALA D 246 -15.28 -12.07 8.31
CA ALA D 246 -15.82 -13.42 8.47
C ALA D 246 -14.82 -14.41 9.06
N ARG D 247 -13.61 -14.46 8.50
CA ARG D 247 -12.60 -15.39 9.01
C ARG D 247 -11.24 -14.71 9.21
N PRO D 248 -11.10 -14.00 10.33
CA PRO D 248 -9.89 -13.23 10.62
C PRO D 248 -8.67 -14.12 10.79
N ARG D 249 -7.51 -13.60 10.40
CA ARG D 249 -6.22 -14.29 10.52
C ARG D 249 -5.98 -14.97 11.85
N CYS D 250 -6.24 -14.25 12.95
CA CYS D 250 -5.90 -14.80 14.27
C CYS D 250 -6.72 -16.06 14.58
N ARG D 251 -7.75 -16.34 13.77
CA ARG D 251 -8.53 -17.57 14.00
C ARG D 251 -8.13 -18.72 13.06
N ARG D 252 -7.10 -18.52 12.26
CA ARG D 252 -6.76 -19.51 11.23
C ARG D 252 -5.55 -20.34 11.59
N ALA D 253 -5.38 -20.64 12.88
CA ALA D 253 -4.25 -21.42 13.36
C ALA D 253 -4.02 -22.71 12.58
N GLU D 254 -5.10 -23.45 12.34
CA GLU D 254 -4.96 -24.73 11.63
C GLU D 254 -4.40 -24.54 10.22
N ASP D 255 -4.85 -23.50 9.53
CA ASP D 255 -4.36 -23.20 8.18
C ASP D 255 -2.86 -22.79 8.19
N TYR D 256 -2.47 -21.90 9.10
CA TYR D 256 -1.08 -21.46 9.14
C TYR D 256 -0.16 -22.62 9.53
N LEU D 257 -0.60 -23.46 10.46
CA LEU D 257 0.19 -24.62 10.88
C LEU D 257 0.41 -25.56 9.70
N ARG D 258 -0.62 -25.73 8.90
CA ARG D 258 -0.53 -26.57 7.71
C ARG D 258 0.47 -26.01 6.70
N ARG D 259 0.45 -24.69 6.48
CA ARG D 259 1.40 -24.08 5.55
C ARG D 259 2.82 -24.11 6.13
N LEU D 260 2.96 -23.88 7.43
CA LEU D 260 4.28 -23.89 8.04
C LEU D 260 4.88 -25.29 7.96
N GLY D 261 4.02 -26.31 7.87
CA GLY D 261 4.43 -27.69 7.66
C GLY D 261 4.94 -28.01 6.27
N ASP D 262 4.58 -27.18 5.29
CA ASP D 262 5.07 -27.33 3.91
C ASP D 262 6.46 -26.74 3.74
N LEU D 263 7.01 -26.22 4.83
CA LEU D 263 8.25 -25.47 4.75
C LEU D 263 9.48 -26.31 5.09
N ASP D 264 10.46 -26.27 4.21
CA ASP D 264 11.77 -26.82 4.52
C ASP D 264 12.53 -25.71 5.23
N THR D 265 12.81 -25.92 6.52
CA THR D 265 13.32 -24.84 7.35
C THR D 265 14.84 -24.76 7.31
N ALA D 266 15.45 -25.67 6.57
CA ALA D 266 16.89 -25.64 6.38
C ALA D 266 17.29 -24.35 5.64
N GLU D 267 16.38 -23.87 4.80
CA GLU D 267 16.61 -22.65 4.04
C GLU D 267 15.94 -21.45 4.71
N GLN D 268 16.61 -20.30 4.65
CA GLN D 268 16.03 -19.04 5.08
C GLN D 268 15.06 -18.57 4.00
N PRO D 269 13.79 -18.35 4.36
CA PRO D 269 12.84 -17.87 3.35
C PRO D 269 13.12 -16.42 2.97
N ASP D 270 12.81 -16.03 1.74
CA ASP D 270 12.84 -14.61 1.41
C ASP D 270 11.41 -14.14 1.19
N ALA D 271 11.25 -12.88 0.80
CA ALA D 271 9.92 -12.31 0.65
C ALA D 271 9.03 -13.13 -0.30
N ALA D 272 9.57 -13.52 -1.45
CA ALA D 272 8.82 -14.32 -2.42
C ALA D 272 8.44 -15.68 -1.86
N GLY D 273 9.35 -16.28 -1.08
CA GLY D 273 9.08 -17.57 -0.46
C GLY D 273 7.91 -17.52 0.52
N VAL D 274 7.86 -16.47 1.31
CA VAL D 274 6.74 -16.22 2.21
C VAL D 274 5.44 -16.07 1.43
N ARG D 275 5.43 -15.22 0.40
CA ARG D 275 4.24 -15.06 -0.42
C ARG D 275 3.77 -16.39 -0.98
N ARG D 276 4.71 -17.21 -1.46
CA ARG D 276 4.35 -18.51 -2.01
C ARG D 276 3.76 -19.44 -0.94
N LEU D 277 4.33 -19.43 0.26
CA LEU D 277 3.87 -20.31 1.32
C LEU D 277 2.45 -19.95 1.73
N TYR D 278 2.15 -18.66 1.73
CA TYR D 278 0.87 -18.18 2.22
C TYR D 278 -0.12 -17.91 1.09
N GLN D 279 0.25 -18.29 -0.14
CA GLN D 279 -0.59 -18.14 -1.33
C GLN D 279 -2.05 -18.55 -1.07
N GLY D 280 -2.97 -17.59 -1.19
CA GLY D 280 -4.38 -17.87 -1.02
C GLY D 280 -4.84 -17.94 0.43
N LEU D 281 -3.98 -17.52 1.36
CA LEU D 281 -4.32 -17.57 2.78
C LEU D 281 -4.38 -16.15 3.36
N GLY D 282 -5.53 -15.81 3.95
CA GLY D 282 -5.72 -14.50 4.55
C GLY D 282 -7.16 -14.27 4.97
#